data_4IL3
#
_entry.id   4IL3
#
_cell.length_a   143.530
_cell.length_b   143.530
_cell.length_c   197.024
_cell.angle_alpha   90.000
_cell.angle_beta   90.000
_cell.angle_gamma   120.000
#
_symmetry.space_group_name_H-M   'P 65'
#
loop_
_entity.id
_entity.type
_entity.pdbx_description
1 polymer Ste24p
2 non-polymer 'ZINC ION'
#
_entity_poly.entity_id   1
_entity_poly.type   'polypeptide(L)'
_entity_poly.pdbx_seq_one_letter_code
;MFDLKKILDRPTIPWKLIISAFSIAQFSFESYLTYRQYQKLSETKLPPVLEDEIDDETFHKSRNYSRAKAKFSIFSDIYN
LAQKLVFIKYDFFPKIWHMAVTLSNAVLPVRFHMVSTVAQSLCFLGLLSSMSTLVDLPLSYYSHFVLEEKFGFNKLTVKL
WITDMIKSLTLAYAIGGPILYLFLKIFDKFPTDFLWYIMVFLFVVQILAMTIIPVFIMPLFNKFTPLEDGELKKSIESLA
DRVGFPLDKIFVIDGSKRSSHSNAYFTGLPFTSKRIVLFDTLVNSNSTDEITAVLAHEIGHWQKNHIVNMVIFSQLHTFL
IFSLFTSIYRNSSFYNTFGFFVEKSSSGFVDPVITKEFPIIIGFMLFNDLLTPLECAMQFIMSLISRTHEYQADAYAKKL
GYKQNLCRALIDLQIKNLSTMNVDPLYSSYHYSHPTLAERLTALDYVSEKKKNSGLEVLFQ
;
_entity_poly.pdbx_strand_id   A,B
#
# COMPACT_ATOMS: atom_id res chain seq x y z
N ASP A 9 -18.61 6.67 26.56
CA ASP A 9 -18.03 7.52 25.52
C ASP A 9 -18.56 8.94 25.64
N ARG A 10 -17.88 9.77 26.42
CA ARG A 10 -18.29 11.15 26.60
C ARG A 10 -17.16 12.04 27.13
N PRO A 11 -17.31 13.36 26.99
CA PRO A 11 -16.29 14.38 27.32
C PRO A 11 -15.85 14.48 28.78
N THR A 12 -16.76 14.72 29.73
CA THR A 12 -16.34 15.07 31.09
C THR A 12 -15.90 13.89 31.95
N ILE A 13 -14.59 13.71 32.03
CA ILE A 13 -13.95 12.76 32.94
C ILE A 13 -12.66 13.41 33.44
N PRO A 14 -12.25 13.13 34.68
CA PRO A 14 -11.03 13.78 35.19
C PRO A 14 -9.77 13.28 34.50
N TRP A 15 -9.32 13.98 33.47
CA TRP A 15 -8.19 13.55 32.67
C TRP A 15 -6.86 13.83 33.37
N LYS A 16 -6.72 15.03 33.94
CA LYS A 16 -5.50 15.41 34.65
C LYS A 16 -5.06 14.33 35.64
N LEU A 17 -5.96 13.93 36.53
CA LEU A 17 -5.64 12.97 37.57
C LEU A 17 -5.21 11.62 36.98
N ILE A 18 -5.96 11.14 36.00
CA ILE A 18 -5.71 9.83 35.41
C ILE A 18 -4.34 9.75 34.74
N ILE A 19 -4.00 10.78 33.96
CA ILE A 19 -2.74 10.81 33.24
C ILE A 19 -1.57 10.90 34.20
N SER A 20 -1.70 11.71 35.23
CA SER A 20 -0.65 11.80 36.26
C SER A 20 -0.49 10.47 36.99
N ALA A 21 -1.61 9.79 37.20
CA ALA A 21 -1.60 8.53 37.93
C ALA A 21 -0.97 7.42 37.10
N PHE A 22 -1.21 7.47 35.80
CA PHE A 22 -0.65 6.48 34.89
C PHE A 22 0.86 6.63 34.76
N SER A 23 1.31 7.85 34.48
CA SER A 23 2.73 8.11 34.36
C SER A 23 3.49 7.71 35.63
N ILE A 24 2.95 8.09 36.79
CA ILE A 24 3.57 7.72 38.06
C ILE A 24 3.57 6.20 38.25
N ALA A 25 2.47 5.56 37.88
CA ALA A 25 2.31 4.13 38.08
C ALA A 25 3.33 3.31 37.30
N GLN A 26 3.49 3.64 36.02
CA GLN A 26 4.36 2.87 35.13
C GLN A 26 5.82 3.28 35.32
N PHE A 27 6.04 4.48 35.82
CA PHE A 27 7.37 4.87 36.24
C PHE A 27 7.79 4.02 37.45
N SER A 28 6.83 3.81 38.35
CA SER A 28 7.08 3.04 39.56
C SER A 28 7.34 1.58 39.22
N PHE A 29 6.57 1.05 38.28
CA PHE A 29 6.77 -0.32 37.82
C PHE A 29 8.15 -0.47 37.19
N GLU A 30 8.50 0.48 36.33
CA GLU A 30 9.81 0.47 35.67
C GLU A 30 10.92 0.67 36.69
N SER A 31 10.61 1.37 37.78
CA SER A 31 11.57 1.59 38.84
C SER A 31 11.79 0.29 39.62
N TYR A 32 10.72 -0.50 39.75
CA TYR A 32 10.81 -1.79 40.41
C TYR A 32 11.71 -2.73 39.61
N LEU A 33 11.45 -2.82 38.31
CA LEU A 33 12.28 -3.61 37.43
C LEU A 33 13.75 -3.23 37.61
N THR A 34 14.05 -1.96 37.33
CA THR A 34 15.42 -1.46 37.41
C THR A 34 16.02 -1.73 38.79
N TYR A 35 15.17 -1.72 39.81
CA TYR A 35 15.61 -2.00 41.17
C TYR A 35 16.10 -3.44 41.31
N ARG A 36 15.33 -4.39 40.79
CA ARG A 36 15.69 -5.80 40.86
C ARG A 36 17.00 -6.03 40.13
N GLN A 37 17.12 -5.44 38.94
CA GLN A 37 18.31 -5.61 38.14
C GLN A 37 19.54 -5.11 38.88
N TYR A 38 19.42 -3.95 39.51
CA TYR A 38 20.51 -3.38 40.29
C TYR A 38 20.93 -4.35 41.39
N GLN A 39 19.93 -4.90 42.08
CA GLN A 39 20.17 -5.88 43.13
C GLN A 39 21.07 -6.99 42.62
N LYS A 40 20.62 -7.70 41.59
CA LYS A 40 21.36 -8.84 41.08
C LYS A 40 22.79 -8.49 40.63
N LEU A 41 22.92 -7.39 39.90
CA LEU A 41 24.23 -7.03 39.35
C LEU A 41 25.22 -6.80 40.47
N SER A 42 24.79 -6.14 41.54
CA SER A 42 25.68 -5.81 42.64
C SER A 42 25.98 -7.02 43.53
N GLU A 43 24.99 -7.90 43.74
CA GLU A 43 25.15 -8.99 44.69
C GLU A 43 25.83 -10.24 44.11
N THR A 44 25.28 -10.78 43.02
CA THR A 44 25.80 -12.02 42.45
C THR A 44 27.21 -11.84 41.88
N LYS A 45 28.00 -12.91 41.92
CA LYS A 45 29.36 -12.87 41.43
C LYS A 45 29.67 -13.96 40.40
N LEU A 46 28.68 -14.79 40.08
CA LEU A 46 28.93 -15.94 39.21
C LEU A 46 27.85 -16.19 38.16
N PRO A 47 28.26 -16.42 36.91
CA PRO A 47 27.35 -17.01 35.92
C PRO A 47 27.48 -18.53 35.94
N PRO A 48 26.38 -19.27 35.78
CA PRO A 48 26.45 -20.73 35.74
C PRO A 48 27.20 -21.27 34.53
N VAL A 49 26.72 -20.92 33.33
CA VAL A 49 27.25 -21.47 32.10
C VAL A 49 28.38 -20.62 31.52
N LEU A 50 28.67 -19.50 32.16
CA LEU A 50 29.74 -18.62 31.71
C LEU A 50 30.78 -18.40 32.81
N GLU A 51 31.04 -19.42 33.61
CA GLU A 51 31.96 -19.30 34.73
C GLU A 51 33.40 -19.50 34.26
N ASP A 52 33.56 -20.18 33.14
CA ASP A 52 34.87 -20.45 32.57
C ASP A 52 35.26 -19.41 31.51
N GLU A 53 34.27 -18.90 30.80
CA GLU A 53 34.51 -18.04 29.63
C GLU A 53 34.35 -16.55 29.90
N ILE A 54 34.40 -16.16 31.17
CA ILE A 54 34.33 -14.75 31.54
C ILE A 54 35.40 -14.44 32.58
N ASP A 55 36.38 -13.63 32.20
CA ASP A 55 37.45 -13.23 33.11
C ASP A 55 36.86 -12.56 34.36
N ASP A 56 37.37 -12.95 35.52
CA ASP A 56 36.90 -12.39 36.79
C ASP A 56 37.05 -10.87 36.84
N GLU A 57 38.02 -10.35 36.09
CA GLU A 57 38.25 -8.91 36.04
C GLU A 57 37.28 -8.21 35.09
N THR A 58 37.10 -8.78 33.90
CA THR A 58 36.18 -8.22 32.92
C THR A 58 34.73 -8.50 33.30
N PHE A 59 34.54 -9.27 34.37
CA PHE A 59 33.21 -9.52 34.89
C PHE A 59 32.82 -8.36 35.81
N HIS A 60 33.73 -8.01 36.71
CA HIS A 60 33.53 -6.87 37.59
C HIS A 60 33.35 -5.58 36.79
N LYS A 61 34.22 -5.35 35.80
CA LYS A 61 34.09 -4.14 34.98
C LYS A 61 32.71 -4.07 34.32
N SER A 62 32.14 -5.23 34.00
CA SER A 62 30.82 -5.28 33.37
C SER A 62 29.74 -5.02 34.42
N ARG A 63 30.00 -5.45 35.65
CA ARG A 63 29.09 -5.14 36.76
C ARG A 63 29.01 -3.64 36.96
N ASN A 64 30.14 -2.96 36.84
CA ASN A 64 30.19 -1.50 37.01
C ASN A 64 29.50 -0.78 35.86
N TYR A 65 29.74 -1.23 34.63
CA TYR A 65 29.08 -0.62 33.48
C TYR A 65 27.56 -0.67 33.65
N SER A 66 27.05 -1.85 34.01
CA SER A 66 25.61 -2.03 34.19
C SER A 66 25.09 -1.23 35.37
N ARG A 67 25.90 -1.12 36.42
CA ARG A 67 25.52 -0.33 37.59
C ARG A 67 25.25 1.12 37.20
N ALA A 68 26.20 1.72 36.49
CA ALA A 68 26.09 3.11 36.06
C ALA A 68 24.95 3.29 35.06
N LYS A 69 24.71 2.28 34.23
CA LYS A 69 23.59 2.31 33.31
C LYS A 69 22.25 2.39 34.04
N ALA A 70 22.12 1.61 35.11
CA ALA A 70 20.89 1.57 35.90
C ALA A 70 20.68 2.90 36.65
N LYS A 71 21.74 3.39 37.27
CA LYS A 71 21.70 4.65 38.00
C LYS A 71 21.20 5.77 37.08
N PHE A 72 21.86 5.90 35.93
CA PHE A 72 21.49 6.91 34.95
C PHE A 72 20.08 6.68 34.43
N SER A 73 19.67 5.43 34.33
CA SER A 73 18.32 5.10 33.87
C SER A 73 17.28 5.66 34.82
N ILE A 74 17.48 5.46 36.12
CA ILE A 74 16.53 5.90 37.13
C ILE A 74 16.48 7.42 37.22
N PHE A 75 17.63 8.06 37.11
CA PHE A 75 17.68 9.52 37.14
C PHE A 75 17.02 10.09 35.89
N SER A 76 17.17 9.39 34.77
CA SER A 76 16.60 9.82 33.50
C SER A 76 15.08 9.69 33.53
N ASP A 77 14.59 8.64 34.19
CA ASP A 77 13.16 8.42 34.33
C ASP A 77 12.53 9.49 35.22
N ILE A 78 13.18 9.78 36.34
CA ILE A 78 12.68 10.77 37.28
C ILE A 78 12.60 12.13 36.61
N TYR A 79 13.63 12.45 35.83
CA TYR A 79 13.72 13.68 35.07
C TYR A 79 12.55 13.79 34.08
N ASN A 80 12.34 12.72 33.31
CA ASN A 80 11.28 12.71 32.29
C ASN A 80 9.87 12.55 32.85
N LEU A 81 9.76 12.11 34.10
CA LEU A 81 8.46 12.03 34.76
C LEU A 81 8.18 13.35 35.45
N ALA A 82 9.24 14.03 35.86
CA ALA A 82 9.11 15.29 36.59
C ALA A 82 8.65 16.37 35.64
N GLN A 83 9.31 16.49 34.50
CA GLN A 83 8.93 17.52 33.54
C GLN A 83 7.55 17.24 32.95
N LYS A 84 7.13 15.97 32.91
CA LYS A 84 5.80 15.66 32.40
C LYS A 84 4.72 16.11 33.38
N LEU A 85 4.80 15.64 34.62
CA LEU A 85 3.81 15.98 35.63
C LEU A 85 3.71 17.49 35.81
N VAL A 86 4.84 18.19 35.70
CA VAL A 86 4.83 19.64 35.75
C VAL A 86 4.17 20.22 34.51
N PHE A 87 4.44 19.61 33.36
CA PHE A 87 3.81 20.01 32.11
C PHE A 87 2.29 19.85 32.16
N ILE A 88 1.84 18.84 32.91
CA ILE A 88 0.42 18.51 32.97
C ILE A 88 -0.35 19.41 33.92
N LYS A 89 0.00 19.35 35.20
CA LYS A 89 -0.74 20.06 36.23
C LYS A 89 -0.69 21.57 36.07
N TYR A 90 0.27 22.06 35.29
CA TYR A 90 0.41 23.48 35.06
C TYR A 90 0.01 23.88 33.64
N ASP A 91 -0.63 22.96 32.92
CA ASP A 91 -1.10 23.22 31.56
C ASP A 91 -0.05 24.02 30.80
N PHE A 92 1.07 23.37 30.49
CA PHE A 92 2.19 24.04 29.82
C PHE A 92 2.09 24.02 28.30
N PHE A 93 1.15 23.26 27.76
CA PHE A 93 1.03 23.10 26.31
C PHE A 93 0.43 24.34 25.62
N PRO A 94 -0.68 24.86 26.15
CA PRO A 94 -1.34 26.04 25.59
C PRO A 94 -0.37 27.22 25.44
N LYS A 95 0.48 27.39 26.45
CA LYS A 95 1.42 28.48 26.49
C LYS A 95 2.41 28.38 25.33
N ILE A 96 2.86 27.16 25.05
CA ILE A 96 3.83 26.94 23.98
C ILE A 96 3.17 27.17 22.63
N TRP A 97 1.89 26.81 22.53
CA TRP A 97 1.12 27.09 21.30
C TRP A 97 1.13 28.59 20.99
N HIS A 98 0.82 29.40 21.99
CA HIS A 98 0.80 30.85 21.80
C HIS A 98 2.17 31.41 21.43
N MET A 99 3.21 31.00 22.16
CA MET A 99 4.56 31.47 21.90
C MET A 99 5.04 31.03 20.53
N ALA A 100 4.55 29.89 20.06
CA ALA A 100 4.96 29.36 18.76
C ALA A 100 4.38 30.23 17.64
N VAL A 101 3.07 30.42 17.66
CA VAL A 101 2.41 31.22 16.63
C VAL A 101 2.92 32.67 16.65
N THR A 102 3.27 33.16 17.83
CA THR A 102 3.79 34.52 17.96
C THR A 102 5.09 34.69 17.18
N LEU A 103 5.85 33.61 17.04
CA LEU A 103 7.12 33.63 16.31
C LEU A 103 6.92 33.15 14.88
N SER A 104 5.97 33.75 14.18
CA SER A 104 5.69 33.41 12.80
C SER A 104 5.45 34.69 12.00
N ASN A 105 6.46 35.10 11.23
CA ASN A 105 6.41 36.38 10.54
C ASN A 105 7.04 36.31 9.15
N ALA A 106 6.60 37.21 8.27
CA ALA A 106 7.13 37.29 6.92
C ALA A 106 6.52 38.48 6.18
N MET A 114 0.25 37.46 4.03
CA MET A 114 0.94 36.81 5.14
C MET A 114 1.01 35.30 4.94
N VAL A 115 2.08 34.69 5.43
CA VAL A 115 2.26 33.24 5.30
C VAL A 115 1.90 32.53 6.61
N SER A 116 0.76 32.89 7.18
CA SER A 116 0.28 32.26 8.40
C SER A 116 -0.95 31.43 8.02
N THR A 117 -1.09 30.25 8.60
CA THR A 117 -2.08 29.30 8.12
C THR A 117 -2.90 28.59 9.19
N VAL A 118 -3.82 27.76 8.71
CA VAL A 118 -4.75 27.02 9.56
C VAL A 118 -4.09 25.93 10.39
N ALA A 119 -2.96 25.42 9.90
CA ALA A 119 -2.23 24.37 10.60
C ALA A 119 -1.10 24.91 11.48
N GLN A 120 -1.47 25.69 12.51
CA GLN A 120 -0.49 26.18 13.46
C GLN A 120 0.11 25.01 14.24
N SER A 121 -0.55 23.87 14.18
CA SER A 121 -0.09 22.65 14.84
C SER A 121 1.39 22.38 14.57
N LEU A 122 1.83 22.62 13.35
CA LEU A 122 3.23 22.39 12.98
C LEU A 122 4.14 23.34 13.76
N CYS A 123 3.67 24.55 13.99
CA CYS A 123 4.44 25.53 14.76
C CYS A 123 4.60 25.04 16.19
N PHE A 124 3.47 24.72 16.82
CA PHE A 124 3.45 24.20 18.18
C PHE A 124 4.46 23.06 18.34
N LEU A 125 4.44 22.13 17.40
CA LEU A 125 5.36 20.98 17.44
C LEU A 125 6.79 21.40 17.14
N GLY A 126 6.94 22.48 16.37
CA GLY A 126 8.25 22.96 16.01
C GLY A 126 9.01 23.39 17.25
N LEU A 127 8.39 24.26 18.04
CA LEU A 127 9.00 24.75 19.27
C LEU A 127 9.00 23.69 20.37
N LEU A 128 7.98 22.83 20.38
CA LEU A 128 7.90 21.80 21.39
C LEU A 128 9.07 20.82 21.28
N SER A 129 9.21 20.20 20.11
CA SER A 129 10.28 19.24 19.89
C SER A 129 11.66 19.85 20.13
N SER A 130 11.81 21.13 19.79
CA SER A 130 13.09 21.81 19.99
C SER A 130 13.36 22.00 21.48
N MET A 131 12.29 22.08 22.27
CA MET A 131 12.42 22.23 23.71
C MET A 131 12.76 20.87 24.32
N SER A 132 12.14 19.82 23.80
CA SER A 132 12.39 18.47 24.27
C SER A 132 13.86 18.12 24.00
N THR A 133 14.41 18.70 22.95
CA THR A 133 15.82 18.50 22.63
C THR A 133 16.70 19.16 23.69
N LEU A 134 16.58 20.48 23.81
CA LEU A 134 17.42 21.24 24.73
C LEU A 134 17.32 20.73 26.17
N VAL A 135 16.14 20.26 26.56
CA VAL A 135 15.95 19.74 27.91
C VAL A 135 16.59 18.37 28.05
N ASP A 136 16.68 17.65 26.93
CA ASP A 136 17.32 16.34 26.90
C ASP A 136 18.84 16.47 26.82
N LEU A 137 19.29 17.57 26.22
CA LEU A 137 20.71 17.79 25.95
C LEU A 137 21.64 17.39 27.09
N PRO A 138 21.34 17.86 28.32
CA PRO A 138 22.22 17.55 29.46
C PRO A 138 22.38 16.03 29.67
N LEU A 139 21.29 15.29 29.56
CA LEU A 139 21.33 13.83 29.73
C LEU A 139 22.15 13.18 28.62
N SER A 140 21.85 13.57 27.38
CA SER A 140 22.54 13.01 26.22
C SER A 140 24.04 13.28 26.32
N TYR A 141 24.41 14.42 26.89
CA TYR A 141 25.82 14.76 27.06
C TYR A 141 26.46 13.87 28.13
N TYR A 142 25.75 13.68 29.24
CA TYR A 142 26.27 12.87 30.33
C TYR A 142 26.51 11.44 29.85
N SER A 143 25.53 10.86 29.16
CA SER A 143 25.63 9.48 28.72
C SER A 143 26.85 9.26 27.82
N HIS A 144 27.12 10.22 26.94
CA HIS A 144 28.20 10.08 25.96
C HIS A 144 29.56 10.42 26.54
N PHE A 145 29.66 11.60 27.15
CA PHE A 145 30.95 12.15 27.55
C PHE A 145 31.27 11.89 29.02
N VAL A 146 30.53 10.98 29.65
CA VAL A 146 30.79 10.62 31.04
C VAL A 146 30.59 9.11 31.25
N LEU A 147 29.37 8.65 31.03
CA LEU A 147 29.02 7.25 31.27
C LEU A 147 29.84 6.30 30.40
N GLU A 148 30.14 6.71 29.16
CA GLU A 148 30.84 5.84 28.22
C GLU A 148 32.24 6.34 27.87
N GLU A 149 32.64 7.46 28.45
CA GLU A 149 34.02 7.90 28.34
C GLU A 149 34.76 7.31 29.53
N LYS A 150 34.02 7.06 30.59
CA LYS A 150 34.55 6.43 31.80
C LYS A 150 34.91 4.97 31.51
N PHE A 151 34.26 4.40 30.50
CA PHE A 151 34.52 3.02 30.09
C PHE A 151 35.12 2.97 28.70
N GLY A 152 35.80 4.04 28.32
CA GLY A 152 36.52 4.11 27.05
C GLY A 152 35.75 3.65 25.83
N PHE A 153 34.43 3.84 25.84
CA PHE A 153 33.59 3.42 24.73
C PHE A 153 33.39 4.56 23.73
N ASN A 154 33.33 5.79 24.23
CA ASN A 154 33.02 6.94 23.39
C ASN A 154 34.24 7.51 22.68
N LYS A 155 34.15 7.62 21.35
CA LYS A 155 35.26 8.13 20.54
C LYS A 155 34.88 9.39 19.75
N LEU A 156 33.93 10.16 20.27
CA LEU A 156 33.46 11.37 19.58
C LEU A 156 33.83 12.65 20.31
N THR A 157 34.10 13.71 19.55
CA THR A 157 34.27 15.05 20.10
C THR A 157 32.94 15.80 20.16
N VAL A 158 32.87 16.80 21.03
CA VAL A 158 31.66 17.62 21.18
C VAL A 158 31.22 18.22 19.85
N LYS A 159 32.20 18.54 19.01
CA LYS A 159 31.93 19.14 17.71
C LYS A 159 30.96 18.26 16.92
N LEU A 160 31.27 16.97 16.85
CA LEU A 160 30.49 16.01 16.07
C LEU A 160 29.15 15.70 16.72
N TRP A 161 29.11 15.68 18.05
CA TRP A 161 27.88 15.41 18.78
C TRP A 161 26.84 16.48 18.48
N ILE A 162 27.22 17.74 18.66
CA ILE A 162 26.33 18.86 18.40
C ILE A 162 25.91 18.89 16.94
N THR A 163 26.86 18.68 16.04
CA THR A 163 26.54 18.66 14.61
C THR A 163 25.49 17.58 14.31
N ASP A 164 25.59 16.45 15.00
CA ASP A 164 24.66 15.36 14.80
C ASP A 164 23.27 15.76 15.28
N MET A 165 23.22 16.44 16.41
CA MET A 165 21.95 16.91 16.98
C MET A 165 21.25 17.85 16.00
N ILE A 166 22.01 18.78 15.44
CA ILE A 166 21.47 19.78 14.52
C ILE A 166 21.01 19.13 13.22
N LYS A 167 21.74 18.11 12.79
CA LYS A 167 21.36 17.37 11.58
C LYS A 167 20.09 16.58 11.81
N SER A 168 19.91 16.09 13.03
CA SER A 168 18.74 15.29 13.37
C SER A 168 17.49 16.15 13.42
N LEU A 169 17.59 17.33 14.01
CA LEU A 169 16.46 18.26 14.06
C LEU A 169 16.11 18.82 12.69
N THR A 170 17.14 19.20 11.94
CA THR A 170 16.96 19.77 10.61
C THR A 170 16.28 18.78 9.67
N LEU A 171 16.68 17.52 9.76
CA LEU A 171 16.05 16.45 9.00
C LEU A 171 14.63 16.23 9.51
N ALA A 172 14.45 16.28 10.82
CA ALA A 172 13.15 16.04 11.42
C ALA A 172 12.10 17.02 10.89
N TYR A 173 12.48 18.29 10.75
CA TYR A 173 11.58 19.30 10.21
C TYR A 173 11.43 19.13 8.71
N ALA A 174 12.56 18.89 8.03
CA ALA A 174 12.61 18.83 6.58
C ALA A 174 11.63 17.82 6.01
N ILE A 175 11.63 16.61 6.57
CA ILE A 175 10.77 15.54 6.08
C ILE A 175 9.63 15.24 7.06
N GLY A 176 9.84 15.52 8.34
CA GLY A 176 8.82 15.28 9.34
C GLY A 176 7.66 16.23 9.18
N GLY A 177 7.98 17.49 8.89
CA GLY A 177 6.95 18.51 8.69
C GLY A 177 5.99 18.11 7.59
N PRO A 178 6.50 17.96 6.36
CA PRO A 178 5.68 17.56 5.20
C PRO A 178 4.81 16.33 5.47
N ILE A 179 5.41 15.27 6.00
CA ILE A 179 4.68 14.02 6.24
C ILE A 179 3.57 14.22 7.27
N LEU A 180 3.88 14.91 8.36
CA LEU A 180 2.89 15.19 9.39
C LEU A 180 1.76 16.02 8.81
N TYR A 181 2.10 17.04 8.05
CA TYR A 181 1.11 17.93 7.43
C TYR A 181 0.09 17.10 6.64
N LEU A 182 0.58 16.23 5.77
CA LEU A 182 -0.32 15.36 5.01
C LEU A 182 -1.10 14.45 5.95
N PHE A 183 -0.42 13.94 6.98
CA PHE A 183 -1.06 13.06 7.94
C PHE A 183 -2.23 13.77 8.60
N LEU A 184 -2.02 15.03 8.95
CA LEU A 184 -3.04 15.81 9.63
C LEU A 184 -4.18 16.21 8.72
N LYS A 185 -3.87 16.60 7.48
CA LYS A 185 -4.90 17.03 6.54
C LYS A 185 -5.75 15.85 6.05
N ILE A 186 -5.25 14.63 6.26
CA ILE A 186 -6.01 13.44 5.92
C ILE A 186 -7.21 13.31 6.87
N PHE A 187 -7.07 13.86 8.07
CA PHE A 187 -8.16 13.86 9.04
C PHE A 187 -9.28 14.81 8.60
N ASP A 188 -8.89 15.88 7.92
CA ASP A 188 -9.85 16.89 7.46
C ASP A 188 -10.71 16.39 6.29
N LYS A 189 -10.11 15.61 5.41
CA LYS A 189 -10.84 15.07 4.26
C LYS A 189 -11.75 13.92 4.67
N PHE A 190 -11.41 13.24 5.76
CA PHE A 190 -12.19 12.12 6.24
C PHE A 190 -12.48 12.22 7.74
N PRO A 191 -13.32 13.20 8.13
CA PRO A 191 -13.63 13.39 9.55
C PRO A 191 -14.49 12.28 10.16
N THR A 192 -15.18 11.51 9.33
CA THR A 192 -16.05 10.45 9.82
C THR A 192 -15.34 9.10 9.80
N ASP A 193 -14.78 8.75 8.65
CA ASP A 193 -14.03 7.49 8.50
C ASP A 193 -12.61 7.79 8.04
N PHE A 194 -11.73 8.03 9.00
CA PHE A 194 -10.34 8.35 8.73
C PHE A 194 -9.45 7.13 8.90
N LEU A 195 -9.90 6.19 9.73
CA LEU A 195 -9.10 5.05 10.16
C LEU A 195 -8.34 4.37 9.02
N TRP A 196 -9.07 3.83 8.05
CA TRP A 196 -8.45 3.05 6.99
C TRP A 196 -7.55 3.90 6.11
N TYR A 197 -7.86 5.19 6.02
CA TYR A 197 -7.06 6.10 5.20
C TYR A 197 -5.71 6.41 5.83
N ILE A 198 -5.72 6.79 7.10
CA ILE A 198 -4.47 7.07 7.81
C ILE A 198 -3.71 5.78 8.06
N MET A 199 -4.42 4.66 8.02
CA MET A 199 -3.79 3.35 8.18
C MET A 199 -2.89 3.11 6.96
N VAL A 200 -3.51 3.17 5.78
CA VAL A 200 -2.80 3.03 4.52
C VAL A 200 -1.68 4.06 4.40
N PHE A 201 -1.93 5.27 4.89
CA PHE A 201 -0.95 6.34 4.85
C PHE A 201 0.31 5.93 5.61
N LEU A 202 0.14 5.44 6.83
CA LEU A 202 1.29 5.06 7.64
C LEU A 202 2.02 3.87 7.04
N PHE A 203 1.27 2.95 6.43
CA PHE A 203 1.88 1.80 5.76
C PHE A 203 2.83 2.23 4.65
N VAL A 204 2.34 3.06 3.74
CA VAL A 204 3.15 3.53 2.62
C VAL A 204 4.33 4.38 3.08
N VAL A 205 4.13 5.15 4.15
CA VAL A 205 5.24 5.93 4.71
C VAL A 205 6.27 5.00 5.32
N GLN A 206 5.82 3.85 5.81
CA GLN A 206 6.73 2.86 6.39
C GLN A 206 7.63 2.29 5.30
N ILE A 207 7.01 1.84 4.20
CA ILE A 207 7.74 1.31 3.05
C ILE A 207 8.78 2.32 2.55
N LEU A 208 8.35 3.55 2.29
CA LEU A 208 9.27 4.59 1.86
C LEU A 208 10.35 4.83 2.92
N ALA A 209 9.98 4.70 4.18
CA ALA A 209 10.88 4.96 5.29
C ALA A 209 12.10 4.04 5.26
N MET A 210 11.85 2.73 5.20
CA MET A 210 12.95 1.76 5.21
C MET A 210 13.80 1.86 3.95
N THR A 211 13.24 2.44 2.89
CA THR A 211 13.96 2.61 1.63
C THR A 211 14.73 3.92 1.56
N ILE A 212 14.24 4.95 2.27
CA ILE A 212 14.79 6.29 2.12
C ILE A 212 15.83 6.62 3.18
N ILE A 213 15.64 6.10 4.39
CA ILE A 213 16.56 6.40 5.49
C ILE A 213 17.96 5.84 5.23
N PRO A 214 18.06 4.58 4.74
CA PRO A 214 19.39 4.00 4.53
C PRO A 214 20.09 4.59 3.31
N VAL A 215 19.31 4.89 2.28
CA VAL A 215 19.85 5.36 1.00
C VAL A 215 20.23 6.84 1.03
N PHE A 216 19.38 7.67 1.66
CA PHE A 216 19.58 9.12 1.63
C PHE A 216 20.04 9.71 2.97
N ILE A 217 19.37 9.30 4.06
CA ILE A 217 19.64 9.90 5.36
C ILE A 217 20.94 9.43 6.01
N MET A 218 21.22 8.13 5.93
CA MET A 218 22.37 7.55 6.62
C MET A 218 23.71 8.08 6.09
N PRO A 219 23.84 8.21 4.75
CA PRO A 219 25.09 8.72 4.18
C PRO A 219 25.56 10.03 4.82
N LEU A 220 24.64 10.82 5.34
CA LEU A 220 24.99 12.08 5.98
C LEU A 220 25.59 11.86 7.36
N PHE A 221 25.24 10.74 7.99
CA PHE A 221 25.74 10.43 9.32
C PHE A 221 27.11 9.75 9.27
N ASN A 222 27.21 8.69 8.46
CA ASN A 222 28.43 7.90 8.36
C ASN A 222 28.90 7.72 6.92
N LYS A 223 30.20 7.48 6.75
CA LYS A 223 30.81 7.30 5.44
C LYS A 223 30.68 5.84 4.98
N PHE A 224 29.88 5.61 3.94
CA PHE A 224 29.71 4.26 3.41
C PHE A 224 30.74 3.91 2.34
N THR A 225 31.56 2.91 2.62
CA THR A 225 32.54 2.42 1.67
C THR A 225 32.27 0.93 1.42
N PRO A 226 32.58 0.45 0.21
CA PRO A 226 32.29 -0.96 -0.09
C PRO A 226 33.35 -1.88 0.51
N LEU A 227 32.96 -3.09 0.89
CA LEU A 227 33.87 -4.02 1.56
C LEU A 227 35.12 -4.31 0.72
N GLU A 228 36.28 -4.02 1.30
CA GLU A 228 37.56 -4.26 0.65
C GLU A 228 37.59 -5.69 0.11
N ASP A 229 37.62 -5.81 -1.21
CA ASP A 229 37.61 -7.11 -1.87
C ASP A 229 38.72 -8.01 -1.33
N GLY A 230 38.37 -9.26 -1.04
CA GLY A 230 39.33 -10.22 -0.51
C GLY A 230 38.67 -11.41 0.15
N GLU A 231 39.23 -11.85 1.28
CA GLU A 231 38.77 -13.06 1.93
C GLU A 231 37.33 -12.94 2.42
N LEU A 232 37.10 -12.02 3.34
CA LEU A 232 35.81 -11.91 4.01
C LEU A 232 34.69 -11.65 3.00
N LYS A 233 34.97 -10.84 1.99
CA LYS A 233 34.00 -10.59 0.94
C LYS A 233 33.57 -11.90 0.27
N LYS A 234 34.54 -12.78 0.03
CA LYS A 234 34.27 -14.07 -0.60
C LYS A 234 33.47 -15.00 0.32
N SER A 235 33.81 -14.97 1.60
CA SER A 235 33.13 -15.83 2.59
C SER A 235 31.65 -15.50 2.64
N ILE A 236 31.35 -14.23 2.88
CA ILE A 236 29.97 -13.75 2.95
C ILE A 236 29.24 -14.01 1.65
N GLU A 237 29.92 -13.79 0.53
CA GLU A 237 29.34 -14.05 -0.78
C GLU A 237 28.98 -15.51 -0.93
N SER A 238 29.80 -16.39 -0.37
CA SER A 238 29.59 -17.83 -0.47
C SER A 238 28.39 -18.26 0.38
N LEU A 239 28.25 -17.69 1.56
CA LEU A 239 27.13 -18.01 2.43
C LEU A 239 25.82 -17.55 1.79
N ALA A 240 25.87 -16.41 1.12
CA ALA A 240 24.71 -15.87 0.44
C ALA A 240 24.28 -16.83 -0.66
N ASP A 241 25.19 -17.09 -1.60
CA ASP A 241 24.91 -17.96 -2.74
C ASP A 241 24.42 -19.33 -2.29
N ARG A 242 24.96 -19.82 -1.18
CA ARG A 242 24.56 -21.12 -0.64
C ARG A 242 23.08 -21.10 -0.25
N VAL A 243 22.73 -20.17 0.63
CA VAL A 243 21.40 -20.15 1.23
C VAL A 243 20.34 -19.37 0.44
N GLY A 244 20.78 -18.55 -0.52
CA GLY A 244 19.85 -17.79 -1.32
C GLY A 244 20.51 -16.79 -2.25
N PHE A 245 19.70 -15.94 -2.87
CA PHE A 245 20.21 -14.92 -3.77
C PHE A 245 20.11 -13.49 -3.20
N PRO A 246 19.83 -13.34 -1.90
CA PRO A 246 19.68 -11.99 -1.36
C PRO A 246 21.00 -11.27 -1.10
N LEU A 247 21.57 -10.60 -2.09
CA LEU A 247 22.81 -9.87 -1.87
C LEU A 247 23.13 -8.90 -2.99
N ASP A 248 22.95 -7.60 -2.71
CA ASP A 248 23.27 -6.55 -3.66
C ASP A 248 24.75 -6.16 -3.56
N LYS A 249 25.21 -5.92 -2.34
CA LYS A 249 26.60 -5.58 -2.08
C LYS A 249 26.85 -5.46 -0.57
N ILE A 250 28.12 -5.43 -0.19
CA ILE A 250 28.50 -5.28 1.21
C ILE A 250 29.24 -3.97 1.47
N PHE A 251 28.82 -3.25 2.50
CA PHE A 251 29.47 -1.99 2.88
C PHE A 251 29.96 -2.05 4.32
N VAL A 252 31.11 -1.44 4.58
CA VAL A 252 31.61 -1.31 5.94
C VAL A 252 31.53 0.15 6.40
N ILE A 253 30.60 0.43 7.30
CA ILE A 253 30.39 1.79 7.80
C ILE A 253 31.39 2.13 8.89
N ASP A 254 31.67 3.42 9.07
CA ASP A 254 32.59 3.87 10.11
C ASP A 254 31.85 4.23 11.39
N GLY A 255 31.51 3.21 12.18
CA GLY A 255 30.84 3.42 13.44
C GLY A 255 31.83 3.57 14.59
N SER A 256 33.11 3.73 14.24
CA SER A 256 34.16 3.96 15.23
C SER A 256 34.14 5.40 15.68
N LYS A 257 33.65 6.27 14.80
CA LYS A 257 33.61 7.71 15.05
C LYS A 257 32.71 8.04 16.23
N ARG A 258 31.70 7.21 16.45
CA ARG A 258 30.78 7.39 17.55
C ARG A 258 31.34 6.77 18.82
N SER A 259 31.48 5.44 18.80
CA SER A 259 31.96 4.69 19.95
C SER A 259 32.42 3.31 19.51
N SER A 260 33.21 2.65 20.35
CA SER A 260 33.71 1.32 20.03
C SER A 260 32.65 0.26 20.33
N HIS A 261 31.45 0.46 19.76
CA HIS A 261 30.39 -0.54 19.85
C HIS A 261 30.25 -1.21 18.49
N SER A 262 29.84 -2.47 18.49
CA SER A 262 29.73 -3.22 17.25
C SER A 262 28.32 -3.72 16.96
N ASN A 263 27.98 -3.81 15.68
CA ASN A 263 26.70 -4.35 15.24
C ASN A 263 26.73 -4.58 13.72
N ALA A 264 25.80 -5.38 13.22
CA ALA A 264 25.69 -5.61 11.78
C ALA A 264 24.24 -5.83 11.38
N TYR A 265 23.88 -5.36 10.19
CA TYR A 265 22.50 -5.44 9.72
C TYR A 265 22.47 -5.32 8.21
N PHE A 266 21.35 -5.70 7.59
CA PHE A 266 21.20 -5.46 6.15
C PHE A 266 19.97 -4.60 5.85
N THR A 267 20.14 -3.71 4.88
CA THR A 267 19.11 -2.78 4.45
C THR A 267 18.64 -3.09 3.03
N GLY A 268 17.41 -3.56 2.91
CA GLY A 268 16.83 -3.80 1.60
C GLY A 268 15.33 -3.68 1.65
N LEU A 269 14.74 -3.17 0.57
CA LEU A 269 13.30 -3.02 0.48
C LEU A 269 12.66 -4.37 0.21
N PRO A 270 12.08 -5.00 1.25
CA PRO A 270 11.69 -6.37 0.94
C PRO A 270 10.39 -6.42 0.16
N PHE A 271 10.26 -7.38 -0.76
CA PHE A 271 11.35 -8.27 -1.15
C PHE A 271 12.07 -7.80 -2.42
N THR A 272 13.33 -7.42 -2.25
CA THR A 272 14.21 -7.04 -3.36
C THR A 272 15.66 -7.22 -2.90
N SER A 273 16.60 -6.86 -3.76
CA SER A 273 18.02 -6.88 -3.41
C SER A 273 18.25 -6.36 -1.99
N LYS A 274 19.21 -6.95 -1.28
CA LYS A 274 19.49 -6.55 0.10
C LYS A 274 20.98 -6.25 0.29
N ARG A 275 21.27 -5.07 0.85
CA ARG A 275 22.66 -4.70 1.12
C ARG A 275 23.06 -5.06 2.56
N ILE A 276 24.29 -5.55 2.73
CA ILE A 276 24.78 -5.94 4.05
C ILE A 276 25.77 -4.92 4.62
N VAL A 277 25.32 -4.17 5.63
CA VAL A 277 26.17 -3.20 6.31
C VAL A 277 26.86 -3.82 7.53
N LEU A 278 28.18 -3.63 7.62
CA LEU A 278 28.99 -4.14 8.72
C LEU A 278 29.70 -2.99 9.42
N PHE A 279 29.69 -3.02 10.75
CA PHE A 279 30.30 -1.96 11.55
C PHE A 279 31.83 -1.99 11.52
N ASP A 280 32.43 -0.81 11.52
CA ASP A 280 33.87 -0.65 11.47
C ASP A 280 34.56 -1.40 12.61
N THR A 281 33.95 -1.37 13.79
CA THR A 281 34.53 -2.02 14.97
C THR A 281 34.36 -3.53 14.92
N LEU A 282 33.50 -4.00 14.01
CA LEU A 282 33.24 -5.41 13.86
C LEU A 282 34.34 -6.10 13.05
N VAL A 283 34.66 -5.53 11.89
CA VAL A 283 35.65 -6.13 11.00
C VAL A 283 37.03 -6.06 11.65
N ASN A 284 37.25 -5.05 12.50
CA ASN A 284 38.49 -4.95 13.25
C ASN A 284 38.66 -6.20 14.11
N SER A 285 39.78 -6.28 14.82
CA SER A 285 40.14 -7.53 15.50
C SER A 285 39.37 -7.74 16.80
N ASN A 286 38.09 -8.07 16.63
CA ASN A 286 37.27 -8.64 17.69
C ASN A 286 36.57 -9.85 17.13
N SER A 287 36.03 -9.68 15.92
CA SER A 287 35.44 -10.76 15.15
C SER A 287 36.25 -10.96 13.88
N THR A 288 36.87 -12.12 13.72
CA THR A 288 37.69 -12.38 12.54
C THR A 288 36.83 -12.79 11.35
N ASP A 289 36.26 -13.98 11.43
CA ASP A 289 35.35 -14.48 10.40
C ASP A 289 34.27 -15.31 11.07
N GLU A 290 34.22 -15.18 12.40
CA GLU A 290 33.06 -15.54 13.19
C GLU A 290 31.96 -14.55 12.82
N ILE A 291 32.39 -13.48 12.16
CA ILE A 291 31.48 -12.52 11.55
C ILE A 291 30.44 -13.21 10.70
N THR A 292 30.84 -14.28 10.02
CA THR A 292 29.96 -14.99 9.11
C THR A 292 28.89 -15.79 9.87
N ALA A 293 29.27 -16.34 11.01
CA ALA A 293 28.31 -17.04 11.86
C ALA A 293 27.22 -16.06 12.27
N VAL A 294 27.65 -14.85 12.63
CA VAL A 294 26.71 -13.79 12.97
C VAL A 294 25.78 -13.55 11.79
N LEU A 295 26.35 -13.39 10.60
CA LEU A 295 25.56 -13.12 9.41
C LEU A 295 24.63 -14.27 9.08
N ALA A 296 24.95 -15.47 9.53
CA ALA A 296 24.05 -16.60 9.40
C ALA A 296 22.85 -16.35 10.31
N HIS A 297 23.13 -15.88 11.52
CA HIS A 297 22.08 -15.50 12.45
C HIS A 297 21.19 -14.41 11.86
N GLU A 298 21.80 -13.43 11.19
CA GLU A 298 21.07 -12.27 10.70
C GLU A 298 20.33 -12.63 9.41
N ILE A 299 20.80 -13.68 8.73
CA ILE A 299 20.09 -14.21 7.57
C ILE A 299 18.94 -15.10 8.04
N GLY A 300 19.07 -15.62 9.25
CA GLY A 300 18.00 -16.36 9.89
C GLY A 300 16.71 -15.56 9.97
N HIS A 301 16.82 -14.29 10.31
CA HIS A 301 15.65 -13.42 10.41
C HIS A 301 14.91 -13.36 9.09
N TRP A 302 15.66 -13.31 7.99
CA TRP A 302 15.09 -13.22 6.64
C TRP A 302 14.44 -14.52 6.21
N GLN A 303 15.12 -15.64 6.48
CA GLN A 303 14.69 -16.95 5.99
C GLN A 303 13.31 -17.35 6.51
N LYS A 304 13.03 -17.00 7.76
CA LYS A 304 11.79 -17.44 8.40
C LYS A 304 10.70 -16.37 8.32
N ASN A 305 10.91 -15.39 7.45
CA ASN A 305 9.96 -14.29 7.27
C ASN A 305 9.56 -13.65 8.58
N HIS A 306 10.55 -13.18 9.32
CA HIS A 306 10.29 -12.49 10.59
C HIS A 306 9.82 -11.07 10.32
N ILE A 307 10.46 -10.42 9.34
CA ILE A 307 10.10 -9.06 8.98
C ILE A 307 8.63 -9.00 8.57
N VAL A 308 8.16 -10.05 7.92
CA VAL A 308 6.75 -10.16 7.54
C VAL A 308 5.90 -10.22 8.79
N ASN A 309 6.26 -11.11 9.70
CA ASN A 309 5.57 -11.24 10.98
C ASN A 309 5.57 -9.94 11.77
N MET A 310 6.61 -9.12 11.60
CA MET A 310 6.73 -7.90 12.37
C MET A 310 5.89 -6.77 11.82
N VAL A 311 5.83 -6.63 10.50
CA VAL A 311 4.98 -5.61 9.90
C VAL A 311 3.51 -5.93 10.18
N ILE A 312 3.16 -7.21 10.10
CA ILE A 312 1.79 -7.64 10.41
C ILE A 312 1.43 -7.37 11.86
N PHE A 313 2.31 -7.76 12.78
CA PHE A 313 2.11 -7.54 14.21
C PHE A 313 2.14 -6.05 14.51
N SER A 314 2.79 -5.28 13.64
CA SER A 314 2.80 -3.83 13.77
C SER A 314 1.48 -3.19 13.32
N GLN A 315 0.88 -3.73 12.25
CA GLN A 315 -0.36 -3.20 11.75
C GLN A 315 -1.51 -3.46 12.70
N LEU A 316 -1.50 -4.61 13.37
CA LEU A 316 -2.50 -4.87 14.39
C LEU A 316 -2.42 -3.79 15.48
N HIS A 317 -1.21 -3.50 15.94
CA HIS A 317 -1.00 -2.46 16.93
C HIS A 317 -1.60 -1.13 16.50
N THR A 318 -1.19 -0.66 15.33
CA THR A 318 -1.64 0.62 14.80
C THR A 318 -3.16 0.67 14.71
N PHE A 319 -3.77 -0.43 14.33
CA PHE A 319 -5.22 -0.49 14.18
C PHE A 319 -5.92 -0.33 15.53
N LEU A 320 -5.40 -1.00 16.54
CA LEU A 320 -5.93 -0.90 17.90
C LEU A 320 -5.88 0.55 18.36
N ILE A 321 -4.71 1.18 18.17
CA ILE A 321 -4.49 2.54 18.60
C ILE A 321 -5.50 3.51 17.99
N PHE A 322 -5.59 3.49 16.66
CA PHE A 322 -6.45 4.44 15.96
C PHE A 322 -7.91 4.01 15.94
N SER A 323 -8.17 2.79 16.40
CA SER A 323 -9.55 2.34 16.62
C SER A 323 -10.05 3.03 17.88
N LEU A 324 -9.19 3.05 18.90
CA LEU A 324 -9.51 3.72 20.15
C LEU A 324 -9.51 5.24 20.00
N PHE A 325 -8.65 5.76 19.12
CA PHE A 325 -8.58 7.20 18.88
C PHE A 325 -9.94 7.81 18.52
N THR A 326 -10.72 7.10 17.71
CA THR A 326 -12.04 7.58 17.30
C THR A 326 -12.86 8.04 18.51
N SER A 327 -12.57 7.46 19.67
CA SER A 327 -13.33 7.73 20.89
C SER A 327 -12.91 9.04 21.56
N ILE A 328 -11.63 9.34 21.53
CA ILE A 328 -11.10 10.46 22.33
C ILE A 328 -10.48 11.56 21.48
N TYR A 329 -10.99 11.75 20.26
CA TYR A 329 -10.56 12.88 19.44
C TYR A 329 -11.70 13.89 19.31
N ARG A 330 -12.50 14.01 20.38
CA ARG A 330 -13.63 14.93 20.37
C ARG A 330 -13.51 16.12 21.34
N ASN A 331 -13.40 15.85 22.63
CA ASN A 331 -13.25 16.94 23.59
C ASN A 331 -12.23 16.72 24.70
N SER A 332 -11.41 17.74 24.92
CA SER A 332 -10.33 17.70 25.90
C SER A 332 -10.60 18.63 27.08
N SER A 333 -10.04 18.29 28.23
CA SER A 333 -10.08 19.19 29.38
C SER A 333 -9.33 20.47 29.06
N PHE A 334 -8.30 20.34 28.23
CA PHE A 334 -7.44 21.46 27.89
C PHE A 334 -8.21 22.47 27.05
N TYR A 335 -7.49 23.43 26.46
CA TYR A 335 -8.15 24.51 25.73
C TYR A 335 -9.29 24.03 24.82
N ASN A 336 -10.26 24.93 24.68
CA ASN A 336 -11.59 24.61 24.15
C ASN A 336 -11.77 24.54 22.64
N THR A 337 -11.14 25.44 21.90
CA THR A 337 -11.27 25.43 20.44
C THR A 337 -12.73 25.51 20.02
N PHE A 338 -13.33 26.69 20.18
CA PHE A 338 -14.75 26.90 19.88
C PHE A 338 -15.62 26.22 20.94
N SER A 347 -14.60 33.10 29.34
CA SER A 347 -14.86 32.48 28.05
C SER A 347 -14.74 30.96 28.11
N GLY A 348 -15.71 30.31 28.77
CA GLY A 348 -15.66 28.87 28.95
C GLY A 348 -14.96 28.53 30.23
N PHE A 349 -14.39 29.54 30.88
CA PHE A 349 -13.98 29.46 32.29
C PHE A 349 -12.48 29.51 32.69
N VAL A 350 -11.56 29.71 31.76
CA VAL A 350 -10.14 29.89 32.15
C VAL A 350 -9.34 30.77 31.14
N ASP A 351 -8.02 30.90 31.31
CA ASP A 351 -7.27 31.99 30.66
C ASP A 351 -6.41 31.64 29.44
N PRO A 352 -5.96 32.68 28.69
CA PRO A 352 -5.17 32.41 27.51
C PRO A 352 -5.28 30.99 27.00
N VAL A 353 -6.46 30.73 26.47
CA VAL A 353 -6.80 29.46 25.88
C VAL A 353 -6.71 29.63 24.36
N ILE A 354 -6.93 28.55 23.63
CA ILE A 354 -6.72 28.52 22.19
C ILE A 354 -8.04 28.11 21.54
N THR A 355 -8.33 28.64 20.36
CA THR A 355 -9.69 28.53 19.83
C THR A 355 -9.79 28.06 18.37
N LYS A 356 -11.03 27.74 17.98
CA LYS A 356 -11.37 27.28 16.62
C LYS A 356 -11.32 25.77 16.43
N GLU A 357 -11.05 25.32 15.22
CA GLU A 357 -10.95 23.90 14.91
C GLU A 357 -10.18 23.13 15.99
N PHE A 358 -10.71 21.97 16.39
CA PHE A 358 -9.98 21.08 17.29
C PHE A 358 -8.72 20.68 16.53
N PRO A 359 -7.57 20.59 17.23
CA PRO A 359 -6.35 20.21 16.51
C PRO A 359 -5.95 18.77 16.83
N ILE A 360 -5.86 17.97 15.77
CA ILE A 360 -5.71 16.52 15.88
C ILE A 360 -4.44 16.09 16.61
N ILE A 361 -3.37 16.84 16.41
CA ILE A 361 -2.09 16.51 17.00
C ILE A 361 -2.16 16.40 18.53
N ILE A 362 -2.83 17.35 19.15
CA ILE A 362 -2.91 17.44 20.60
C ILE A 362 -3.69 16.27 21.20
N GLY A 363 -4.86 16.00 20.63
CA GLY A 363 -5.66 14.87 21.07
C GLY A 363 -4.88 13.58 20.94
N PHE A 364 -4.06 13.49 19.90
CA PHE A 364 -3.22 12.31 19.73
C PHE A 364 -2.19 12.14 20.83
N MET A 365 -1.49 13.22 21.17
CA MET A 365 -0.47 13.15 22.22
C MET A 365 -1.05 12.74 23.56
N LEU A 366 -2.10 13.44 23.99
CA LEU A 366 -2.69 13.17 25.29
C LEU A 366 -3.20 11.74 25.28
N PHE A 367 -3.73 11.32 24.14
CA PHE A 367 -4.17 9.94 23.97
C PHE A 367 -2.98 9.00 24.11
N ASN A 368 -1.82 9.44 23.64
CA ASN A 368 -0.61 8.63 23.70
C ASN A 368 -0.28 8.33 25.16
N ASP A 369 -0.40 9.37 26.00
CA ASP A 369 -0.15 9.22 27.44
C ASP A 369 -1.33 8.61 28.20
N LEU A 370 -2.49 8.54 27.56
CA LEU A 370 -3.62 7.75 28.08
C LEU A 370 -3.37 6.24 28.00
N LEU A 371 -2.70 5.81 26.94
CA LEU A 371 -2.54 4.38 26.65
C LEU A 371 -1.44 3.67 27.45
N THR A 372 -0.57 4.43 28.08
CA THR A 372 0.66 3.88 28.67
C THR A 372 0.52 2.45 29.24
N PRO A 373 -0.59 2.13 29.92
CA PRO A 373 -0.70 0.73 30.36
C PRO A 373 -0.77 -0.25 29.20
N LEU A 374 -1.55 0.10 28.17
CA LEU A 374 -1.64 -0.74 26.99
C LEU A 374 -0.26 -0.96 26.40
N GLU A 375 0.56 0.08 26.43
CA GLU A 375 1.91 0.01 25.90
C GLU A 375 2.77 -0.96 26.70
N CYS A 376 2.61 -0.95 28.02
CA CYS A 376 3.31 -1.92 28.86
C CYS A 376 2.96 -3.34 28.45
N ALA A 377 1.67 -3.59 28.24
CA ALA A 377 1.24 -4.91 27.78
C ALA A 377 1.92 -5.28 26.46
N MET A 378 1.92 -4.36 25.51
CA MET A 378 2.51 -4.62 24.20
C MET A 378 4.03 -4.47 24.22
N GLN A 379 4.57 -4.03 25.35
CA GLN A 379 6.01 -4.03 25.54
C GLN A 379 6.42 -5.45 25.90
N PHE A 380 5.62 -6.10 26.75
CA PHE A 380 5.80 -7.53 27.03
C PHE A 380 5.69 -8.34 25.75
N ILE A 381 4.63 -8.10 24.99
CA ILE A 381 4.38 -8.86 23.77
C ILE A 381 5.48 -8.71 22.71
N MET A 382 5.85 -7.47 22.40
CA MET A 382 6.88 -7.23 21.38
C MET A 382 8.23 -7.77 21.82
N SER A 383 8.59 -7.55 23.08
CA SER A 383 9.87 -8.03 23.60
C SER A 383 9.95 -9.55 23.48
N LEU A 384 8.83 -10.23 23.77
CA LEU A 384 8.82 -11.68 23.72
C LEU A 384 8.94 -12.21 22.30
N ILE A 385 8.22 -11.61 21.36
CA ILE A 385 8.29 -12.02 19.96
C ILE A 385 9.72 -11.89 19.42
N SER A 386 10.34 -10.73 19.66
CA SER A 386 11.72 -10.52 19.25
C SER A 386 12.63 -11.58 19.85
N ARG A 387 12.43 -11.89 21.13
CA ARG A 387 13.25 -12.89 21.80
C ARG A 387 13.19 -14.24 21.08
N THR A 388 11.99 -14.71 20.78
CA THR A 388 11.84 -16.01 20.14
C THR A 388 12.29 -15.98 18.68
N HIS A 389 12.31 -14.79 18.08
CA HIS A 389 12.88 -14.66 16.74
C HIS A 389 14.39 -14.89 16.78
N GLU A 390 15.04 -14.35 17.80
CA GLU A 390 16.47 -14.57 17.99
C GLU A 390 16.75 -16.05 18.28
N TYR A 391 15.90 -16.68 19.07
CA TYR A 391 15.98 -18.12 19.33
C TYR A 391 16.00 -18.90 18.02
N GLN A 392 15.03 -18.63 17.16
CA GLN A 392 14.89 -19.35 15.89
C GLN A 392 16.06 -19.11 14.96
N ALA A 393 16.57 -17.88 14.94
CA ALA A 393 17.70 -17.53 14.07
C ALA A 393 18.99 -18.24 14.51
N ASP A 394 19.17 -18.37 15.82
CA ASP A 394 20.34 -19.07 16.36
C ASP A 394 20.28 -20.55 16.00
N ALA A 395 19.13 -21.17 16.26
CA ALA A 395 18.93 -22.56 15.91
C ALA A 395 19.18 -22.75 14.42
N TYR A 396 18.79 -21.75 13.65
CA TYR A 396 18.98 -21.77 12.20
C TYR A 396 20.44 -21.66 11.81
N ALA A 397 21.22 -20.90 12.59
CA ALA A 397 22.66 -20.82 12.37
C ALA A 397 23.31 -22.15 12.69
N LYS A 398 22.74 -22.88 13.65
CA LYS A 398 23.22 -24.22 13.97
C LYS A 398 22.95 -25.14 12.78
N LYS A 399 21.77 -25.02 12.19
CA LYS A 399 21.41 -25.78 11.00
C LYS A 399 22.46 -25.63 9.91
N LEU A 400 23.10 -24.47 9.85
CA LEU A 400 24.11 -24.21 8.82
C LEU A 400 25.52 -24.58 9.28
N GLY A 401 25.67 -24.96 10.55
CA GLY A 401 26.93 -25.45 11.07
C GLY A 401 27.80 -24.35 11.66
N TYR A 402 27.26 -23.15 11.74
CA TYR A 402 28.00 -22.01 12.27
C TYR A 402 27.89 -21.94 13.79
N LYS A 403 27.45 -23.04 14.39
CA LYS A 403 27.21 -23.11 15.82
C LYS A 403 28.41 -22.68 16.65
N GLN A 404 29.57 -23.29 16.40
CA GLN A 404 30.73 -23.07 17.26
C GLN A 404 31.30 -21.67 17.09
N ASN A 405 31.21 -21.12 15.90
CA ASN A 405 31.71 -19.78 15.65
C ASN A 405 30.74 -18.73 16.20
N LEU A 406 29.46 -18.99 16.04
CA LEU A 406 28.42 -18.09 16.55
C LEU A 406 28.52 -17.93 18.07
N CYS A 407 28.75 -19.04 18.78
CA CYS A 407 28.95 -19.00 20.22
C CYS A 407 30.09 -18.06 20.60
N ARG A 408 31.23 -18.25 19.98
CA ARG A 408 32.41 -17.45 20.27
C ARG A 408 32.20 -15.98 19.87
N ALA A 409 31.36 -15.76 18.87
CA ALA A 409 31.04 -14.41 18.43
C ALA A 409 30.31 -13.67 19.53
N LEU A 410 29.19 -14.23 19.97
CA LEU A 410 28.35 -13.62 20.99
C LEU A 410 29.14 -13.41 22.27
N ILE A 411 29.98 -14.37 22.63
CA ILE A 411 30.79 -14.27 23.83
C ILE A 411 31.76 -13.09 23.75
N ASP A 412 32.40 -12.93 22.59
CA ASP A 412 33.33 -11.83 22.37
C ASP A 412 32.61 -10.47 22.37
N LEU A 413 31.38 -10.44 21.87
CA LEU A 413 30.61 -9.21 21.85
C LEU A 413 30.32 -8.78 23.27
N GLN A 414 29.89 -9.75 24.09
CA GLN A 414 29.58 -9.47 25.49
C GLN A 414 30.83 -9.05 26.25
N ILE A 415 31.98 -9.61 25.87
CA ILE A 415 33.25 -9.23 26.50
C ILE A 415 33.65 -7.80 26.20
N LYS A 416 33.53 -7.39 24.94
CA LYS A 416 34.00 -6.06 24.52
C LYS A 416 32.96 -4.97 24.75
N ASN A 417 31.70 -5.36 24.91
CA ASN A 417 30.63 -4.40 25.14
C ASN A 417 30.24 -4.38 26.61
N LEU A 418 30.89 -5.24 27.39
CA LEU A 418 30.63 -5.33 28.82
C LEU A 418 29.14 -5.52 29.10
N SER A 419 28.45 -6.22 28.20
CA SER A 419 27.03 -6.49 28.38
C SER A 419 26.80 -7.11 29.74
N THR A 420 25.56 -7.06 30.23
CA THR A 420 25.23 -7.61 31.53
C THR A 420 25.31 -9.13 31.51
N MET A 421 25.93 -9.70 32.54
CA MET A 421 26.18 -11.13 32.58
C MET A 421 24.95 -11.90 33.03
N ASN A 422 24.63 -11.82 34.32
CA ASN A 422 23.42 -12.45 34.85
C ASN A 422 22.34 -11.40 35.10
N VAL A 423 21.24 -11.51 34.39
CA VAL A 423 20.19 -10.49 34.43
C VAL A 423 18.97 -10.99 35.19
N ASP A 424 18.13 -10.06 35.63
CA ASP A 424 16.90 -10.42 36.31
C ASP A 424 15.89 -10.88 35.26
N PRO A 425 15.21 -12.01 35.54
CA PRO A 425 14.26 -12.56 34.56
C PRO A 425 13.18 -11.56 34.16
N LEU A 426 12.58 -10.89 35.14
CA LEU A 426 11.50 -9.94 34.86
C LEU A 426 12.02 -8.74 34.08
N TYR A 427 13.06 -8.10 34.59
CA TYR A 427 13.67 -6.96 33.91
C TYR A 427 13.97 -7.29 32.45
N SER A 428 14.51 -8.47 32.21
CA SER A 428 14.85 -8.89 30.86
C SER A 428 13.58 -9.18 30.06
N SER A 429 12.56 -9.67 30.74
CA SER A 429 11.28 -9.98 30.09
C SER A 429 10.63 -8.71 29.54
N TYR A 430 10.82 -7.62 30.26
CA TYR A 430 10.27 -6.32 29.86
C TYR A 430 11.14 -5.62 28.81
N HIS A 431 12.43 -5.48 29.11
CA HIS A 431 13.34 -4.71 28.26
C HIS A 431 14.02 -5.55 27.16
N TYR A 432 14.73 -6.60 27.56
CA TYR A 432 15.57 -7.36 26.63
C TYR A 432 14.78 -7.93 25.45
N SER A 433 15.07 -7.40 24.27
CA SER A 433 14.51 -7.94 23.02
C SER A 433 15.32 -9.14 22.57
N HIS A 434 16.59 -9.18 22.96
CA HIS A 434 17.46 -10.31 22.69
C HIS A 434 17.67 -11.13 23.96
N PRO A 435 17.53 -12.46 23.86
CA PRO A 435 17.69 -13.32 25.05
C PRO A 435 19.06 -13.18 25.70
N THR A 436 19.14 -13.52 26.98
CA THR A 436 20.41 -13.49 27.70
C THR A 436 21.45 -14.31 26.96
N LEU A 437 22.70 -13.86 26.97
CA LEU A 437 23.77 -14.61 26.34
C LEU A 437 23.70 -16.07 26.77
N ALA A 438 23.68 -16.30 28.08
CA ALA A 438 23.56 -17.64 28.64
C ALA A 438 22.37 -18.38 28.03
N GLU A 439 21.29 -17.65 27.77
CA GLU A 439 20.07 -18.23 27.21
C GLU A 439 20.19 -18.49 25.71
N ARG A 440 21.05 -17.73 25.03
CA ARG A 440 21.30 -17.96 23.62
C ARG A 440 22.23 -19.17 23.42
N LEU A 441 23.11 -19.38 24.40
CA LEU A 441 24.05 -20.50 24.34
C LEU A 441 23.39 -21.82 24.69
N THR A 442 22.61 -21.83 25.76
CA THR A 442 21.97 -23.06 26.22
C THR A 442 21.05 -23.61 25.15
N ALA A 443 20.55 -22.73 24.28
CA ALA A 443 19.69 -23.14 23.18
C ALA A 443 20.51 -23.81 22.08
N LEU A 444 21.81 -23.58 22.08
CA LEU A 444 22.71 -24.19 21.11
C LEU A 444 23.69 -25.14 21.81
N ASP A 445 24.69 -24.57 22.46
CA ASP A 445 25.63 -25.34 23.28
C ASP A 445 24.89 -26.18 24.31
N PRO B 11 11.39 -26.75 -10.98
CA PRO B 11 11.12 -28.11 -11.45
C PRO B 11 10.30 -28.17 -12.72
N THR B 12 10.19 -29.36 -13.30
CA THR B 12 9.50 -29.56 -14.58
C THR B 12 7.99 -29.66 -14.37
N ILE B 13 7.25 -28.66 -14.87
CA ILE B 13 5.79 -28.66 -14.78
C ILE B 13 5.17 -28.42 -16.15
N PRO B 14 4.06 -29.10 -16.44
CA PRO B 14 3.38 -28.93 -17.73
C PRO B 14 2.62 -27.62 -17.77
N TRP B 15 3.24 -26.57 -18.31
CA TRP B 15 2.63 -25.24 -18.30
C TRP B 15 1.54 -25.13 -19.35
N LYS B 16 1.80 -25.64 -20.55
CA LYS B 16 0.81 -25.64 -21.62
C LYS B 16 -0.52 -26.21 -21.11
N LEU B 17 -0.44 -27.40 -20.55
CA LEU B 17 -1.62 -28.11 -20.06
C LEU B 17 -2.34 -27.33 -18.96
N ILE B 18 -1.58 -26.81 -18.00
CA ILE B 18 -2.15 -26.13 -16.85
C ILE B 18 -2.95 -24.88 -17.23
N ILE B 19 -2.33 -24.00 -18.02
CA ILE B 19 -3.00 -22.76 -18.40
C ILE B 19 -4.19 -23.03 -19.30
N SER B 20 -4.04 -23.97 -20.23
CA SER B 20 -5.16 -24.37 -21.08
C SER B 20 -6.29 -24.93 -20.22
N ALA B 21 -5.91 -25.62 -19.14
CA ALA B 21 -6.89 -26.24 -18.25
C ALA B 21 -7.65 -25.16 -17.50
N PHE B 22 -6.95 -24.10 -17.14
CA PHE B 22 -7.57 -22.97 -16.45
C PHE B 22 -8.59 -22.29 -17.36
N SER B 23 -8.18 -22.01 -18.59
CA SER B 23 -9.07 -21.37 -19.56
C SER B 23 -10.34 -22.18 -19.72
N ILE B 24 -10.20 -23.49 -19.83
CA ILE B 24 -11.36 -24.37 -19.93
C ILE B 24 -12.21 -24.25 -18.68
N ALA B 25 -11.56 -24.16 -17.52
CA ALA B 25 -12.25 -24.11 -16.24
C ALA B 25 -13.14 -22.87 -16.10
N GLN B 26 -12.61 -21.70 -16.44
CA GLN B 26 -13.34 -20.45 -16.24
C GLN B 26 -14.32 -20.18 -17.37
N PHE B 27 -14.07 -20.75 -18.54
CA PHE B 27 -15.05 -20.70 -19.61
C PHE B 27 -16.29 -21.50 -19.24
N SER B 28 -16.05 -22.69 -18.69
CA SER B 28 -17.15 -23.59 -18.30
C SER B 28 -17.92 -23.01 -17.13
N PHE B 29 -17.19 -22.41 -16.19
CA PHE B 29 -17.79 -21.76 -15.03
C PHE B 29 -18.70 -20.60 -15.45
N GLU B 30 -18.20 -19.75 -16.33
CA GLU B 30 -18.96 -18.62 -16.82
C GLU B 30 -20.16 -19.09 -17.64
N SER B 31 -20.02 -20.22 -18.32
CA SER B 31 -21.11 -20.78 -19.08
C SER B 31 -22.18 -21.30 -18.11
N TYR B 32 -21.73 -21.78 -16.95
CA TYR B 32 -22.65 -22.22 -15.91
C TYR B 32 -23.50 -21.05 -15.44
N LEU B 33 -22.85 -19.93 -15.14
CA LEU B 33 -23.58 -18.72 -14.77
C LEU B 33 -24.64 -18.39 -15.81
N THR B 34 -24.20 -18.16 -17.04
CA THR B 34 -25.09 -17.76 -18.13
C THR B 34 -26.24 -18.75 -18.30
N TYR B 35 -25.97 -20.02 -18.01
CA TYR B 35 -26.99 -21.06 -18.09
C TYR B 35 -28.09 -20.85 -17.04
N ARG B 36 -27.68 -20.63 -15.79
CA ARG B 36 -28.64 -20.41 -14.71
C ARG B 36 -29.50 -19.19 -15.00
N GLN B 37 -28.86 -18.11 -15.45
CA GLN B 37 -29.56 -16.88 -15.76
C GLN B 37 -30.58 -17.11 -16.87
N TYR B 38 -30.17 -17.84 -17.90
CA TYR B 38 -31.05 -18.10 -19.03
C TYR B 38 -32.31 -18.83 -18.61
N GLN B 39 -32.17 -19.85 -17.78
CA GLN B 39 -33.35 -20.62 -17.36
C GLN B 39 -34.49 -19.72 -16.90
N LYS B 40 -34.30 -19.03 -15.79
CA LYS B 40 -35.34 -18.17 -15.23
C LYS B 40 -35.71 -17.07 -16.22
N LEU B 41 -34.70 -16.54 -16.89
CA LEU B 41 -34.86 -15.36 -17.73
C LEU B 41 -35.89 -15.56 -18.85
N SER B 42 -35.76 -16.65 -19.60
CA SER B 42 -36.68 -16.93 -20.69
C SER B 42 -37.97 -17.58 -20.19
N GLU B 43 -37.85 -18.41 -19.16
CA GLU B 43 -38.99 -19.22 -18.72
C GLU B 43 -39.98 -18.47 -17.82
N THR B 44 -39.49 -17.82 -16.77
CA THR B 44 -40.38 -17.20 -15.79
C THR B 44 -41.27 -16.13 -16.43
N LYS B 45 -42.45 -15.95 -15.85
CA LYS B 45 -43.45 -15.04 -16.40
C LYS B 45 -43.87 -13.97 -15.38
N LEU B 46 -43.22 -13.94 -14.23
CA LEU B 46 -43.62 -13.03 -13.15
C LEU B 46 -42.42 -12.30 -12.55
N PRO B 47 -42.57 -10.99 -12.31
CA PRO B 47 -41.61 -10.20 -11.54
C PRO B 47 -41.88 -10.32 -10.04
N PRO B 48 -40.83 -10.23 -9.21
CA PRO B 48 -40.99 -10.38 -7.76
C PRO B 48 -41.88 -9.29 -7.15
N VAL B 49 -41.48 -8.03 -7.27
CA VAL B 49 -42.21 -6.93 -6.63
C VAL B 49 -42.32 -5.72 -7.58
N LEU B 50 -42.03 -5.95 -8.86
CA LEU B 50 -42.03 -4.88 -9.85
C LEU B 50 -43.20 -5.03 -10.83
N GLU B 51 -44.36 -5.41 -10.29
CA GLU B 51 -45.54 -5.67 -11.12
C GLU B 51 -46.31 -4.39 -11.47
N ASP B 52 -46.05 -3.30 -10.75
CA ASP B 52 -46.78 -2.06 -10.99
C ASP B 52 -46.14 -1.20 -12.07
N GLU B 53 -44.81 -1.17 -12.11
CA GLU B 53 -44.11 -0.29 -13.04
C GLU B 53 -43.55 -1.01 -14.25
N ILE B 54 -44.08 -2.19 -14.55
CA ILE B 54 -43.62 -2.96 -15.71
C ILE B 54 -44.77 -3.51 -16.55
N ASP B 55 -44.94 -2.96 -17.75
CA ASP B 55 -45.92 -3.46 -18.70
C ASP B 55 -45.62 -4.91 -19.03
N ASP B 56 -46.64 -5.76 -19.05
CA ASP B 56 -46.44 -7.16 -19.42
C ASP B 56 -45.83 -7.25 -20.82
N GLU B 57 -46.09 -6.24 -21.64
CA GLU B 57 -45.55 -6.19 -23.01
C GLU B 57 -44.09 -5.75 -23.00
N THR B 58 -43.79 -4.71 -22.24
CA THR B 58 -42.42 -4.22 -22.12
C THR B 58 -41.62 -5.15 -21.21
N PHE B 59 -42.31 -6.13 -20.62
CA PHE B 59 -41.68 -7.17 -19.83
C PHE B 59 -41.24 -8.31 -20.74
N HIS B 60 -42.15 -8.76 -21.60
CA HIS B 60 -41.84 -9.80 -22.57
C HIS B 60 -40.69 -9.36 -23.48
N LYS B 61 -40.79 -8.14 -24.00
CA LYS B 61 -39.77 -7.58 -24.89
C LYS B 61 -38.40 -7.53 -24.22
N SER B 62 -38.37 -7.31 -22.90
CA SER B 62 -37.11 -7.26 -22.18
C SER B 62 -36.58 -8.66 -21.94
N ARG B 63 -37.48 -9.63 -21.80
CA ARG B 63 -37.08 -11.03 -21.70
C ARG B 63 -36.42 -11.48 -23.00
N ASN B 64 -36.95 -11.04 -24.13
CA ASN B 64 -36.40 -11.41 -25.43
C ASN B 64 -35.05 -10.75 -25.67
N TYR B 65 -34.94 -9.46 -25.34
CA TYR B 65 -33.68 -8.74 -25.44
C TYR B 65 -32.58 -9.43 -24.65
N SER B 66 -32.89 -9.79 -23.41
CA SER B 66 -31.91 -10.42 -22.54
C SER B 66 -31.57 -11.82 -23.03
N ARG B 67 -32.56 -12.50 -23.62
CA ARG B 67 -32.33 -13.81 -24.23
C ARG B 67 -31.24 -13.70 -25.29
N ALA B 68 -31.40 -12.73 -26.18
CA ALA B 68 -30.43 -12.53 -27.26
C ALA B 68 -29.06 -12.14 -26.71
N LYS B 69 -29.05 -11.37 -25.63
CA LYS B 69 -27.80 -11.04 -24.96
C LYS B 69 -27.07 -12.30 -24.50
N ALA B 70 -27.82 -13.25 -23.95
CA ALA B 70 -27.24 -14.50 -23.46
C ALA B 70 -26.66 -15.36 -24.59
N LYS B 71 -27.44 -15.54 -25.64
CA LYS B 71 -26.99 -16.32 -26.80
C LYS B 71 -25.68 -15.76 -27.32
N PHE B 72 -25.66 -14.46 -27.58
CA PHE B 72 -24.47 -13.80 -28.10
C PHE B 72 -23.30 -13.94 -27.14
N SER B 73 -23.58 -13.92 -25.83
CA SER B 73 -22.54 -14.06 -24.83
C SER B 73 -21.83 -15.42 -24.91
N ILE B 74 -22.59 -16.51 -24.92
CA ILE B 74 -21.99 -17.84 -24.95
C ILE B 74 -21.29 -18.12 -26.28
N PHE B 75 -21.87 -17.65 -27.39
CA PHE B 75 -21.24 -17.82 -28.69
C PHE B 75 -19.93 -17.03 -28.76
N SER B 76 -19.92 -15.88 -28.12
CA SER B 76 -18.73 -15.05 -28.08
C SER B 76 -17.66 -15.71 -27.23
N ASP B 77 -18.08 -16.39 -26.17
CA ASP B 77 -17.16 -17.12 -25.30
C ASP B 77 -16.50 -18.29 -26.02
N ILE B 78 -17.30 -19.09 -26.73
CA ILE B 78 -16.80 -20.26 -27.44
C ILE B 78 -15.83 -19.83 -28.53
N TYR B 79 -16.19 -18.78 -29.23
CA TYR B 79 -15.34 -18.20 -30.28
C TYR B 79 -13.99 -17.79 -29.70
N ASN B 80 -14.05 -17.05 -28.60
CA ASN B 80 -12.83 -16.54 -27.95
C ASN B 80 -12.08 -17.61 -27.16
N LEU B 81 -12.72 -18.74 -26.89
CA LEU B 81 -12.04 -19.86 -26.26
C LEU B 81 -11.43 -20.75 -27.32
N ALA B 82 -12.03 -20.76 -28.50
CA ALA B 82 -11.57 -21.63 -29.58
C ALA B 82 -10.27 -21.06 -30.11
N GLN B 83 -10.27 -19.76 -30.38
CA GLN B 83 -9.07 -19.12 -30.91
C GLN B 83 -7.94 -19.12 -29.88
N LYS B 84 -8.28 -19.13 -28.60
CA LYS B 84 -7.27 -19.16 -27.54
C LYS B 84 -6.59 -20.53 -27.43
N LEU B 85 -7.40 -21.57 -27.20
CA LEU B 85 -6.87 -22.92 -27.07
C LEU B 85 -6.10 -23.35 -28.31
N VAL B 86 -6.55 -22.91 -29.48
CA VAL B 86 -5.81 -23.15 -30.71
C VAL B 86 -4.52 -22.33 -30.70
N PHE B 87 -4.61 -21.11 -30.17
CA PHE B 87 -3.45 -20.24 -30.02
C PHE B 87 -2.40 -20.93 -29.15
N ILE B 88 -2.85 -21.73 -28.19
CA ILE B 88 -1.96 -22.39 -27.26
C ILE B 88 -1.30 -23.63 -27.88
N LYS B 89 -2.11 -24.62 -28.25
CA LYS B 89 -1.59 -25.91 -28.70
C LYS B 89 -0.75 -25.83 -29.97
N TYR B 90 -0.90 -24.76 -30.73
CA TYR B 90 -0.11 -24.58 -31.96
C TYR B 90 0.96 -23.49 -31.81
N ASP B 91 1.19 -23.05 -30.59
CA ASP B 91 2.23 -22.06 -30.33
C ASP B 91 2.20 -20.93 -31.36
N PHE B 92 1.20 -20.07 -31.27
CA PHE B 92 1.07 -18.98 -32.25
C PHE B 92 1.92 -17.78 -31.84
N PHE B 93 2.49 -17.83 -30.63
CA PHE B 93 3.31 -16.73 -30.15
C PHE B 93 4.66 -16.69 -30.87
N PRO B 94 5.37 -17.83 -30.90
CA PRO B 94 6.63 -17.83 -31.66
C PRO B 94 6.43 -17.49 -33.12
N LYS B 95 5.40 -18.06 -33.73
CA LYS B 95 5.17 -17.88 -35.17
C LYS B 95 4.83 -16.44 -35.52
N ILE B 96 4.00 -15.81 -34.71
CA ILE B 96 3.59 -14.43 -34.96
C ILE B 96 4.77 -13.48 -34.73
N TRP B 97 5.60 -13.81 -33.75
CA TRP B 97 6.83 -13.07 -33.48
C TRP B 97 7.71 -13.07 -34.72
N HIS B 98 7.89 -14.24 -35.32
CA HIS B 98 8.69 -14.39 -36.52
C HIS B 98 8.10 -13.57 -37.67
N MET B 99 6.78 -13.63 -37.83
CA MET B 99 6.11 -12.86 -38.88
C MET B 99 6.30 -11.37 -38.64
N ALA B 100 6.41 -11.00 -37.37
CA ALA B 100 6.58 -9.60 -36.99
C ALA B 100 7.94 -9.03 -37.38
N VAL B 101 9.01 -9.74 -36.99
CA VAL B 101 10.38 -9.26 -37.22
C VAL B 101 10.70 -9.01 -38.69
N THR B 102 10.07 -9.76 -39.60
CA THR B 102 10.32 -9.57 -41.03
C THR B 102 9.94 -8.17 -41.48
N LEU B 103 9.01 -7.56 -40.77
CA LEU B 103 8.53 -6.22 -41.11
C LEU B 103 7.88 -6.20 -42.49
N PRO B 109 9.60 -2.06 -45.79
CA PRO B 109 10.30 -1.60 -44.59
C PRO B 109 11.66 -0.99 -44.94
N VAL B 110 12.52 -0.89 -43.94
CA VAL B 110 13.88 -0.42 -44.15
C VAL B 110 14.85 -1.22 -43.28
N ARG B 111 16.12 -1.23 -43.65
CA ARG B 111 17.11 -2.04 -42.96
C ARG B 111 18.12 -1.21 -42.19
N PHE B 112 18.25 0.07 -42.55
CA PHE B 112 19.21 0.96 -41.89
C PHE B 112 19.24 0.73 -40.39
N HIS B 113 18.07 0.50 -39.80
CA HIS B 113 17.97 0.28 -38.37
C HIS B 113 16.73 -0.56 -38.03
N MET B 114 16.63 -1.74 -38.63
CA MET B 114 15.52 -2.65 -38.34
C MET B 114 15.62 -3.08 -36.88
N VAL B 115 14.46 -3.33 -36.27
CA VAL B 115 14.40 -3.72 -34.86
C VAL B 115 15.42 -4.82 -34.56
N SER B 116 16.33 -4.54 -33.63
CA SER B 116 17.37 -5.50 -33.24
C SER B 116 17.13 -6.01 -31.84
N THR B 117 17.33 -5.15 -30.85
CA THR B 117 17.30 -5.55 -29.45
C THR B 117 15.90 -6.04 -29.11
N VAL B 118 15.67 -6.34 -27.83
CA VAL B 118 14.41 -6.94 -27.38
C VAL B 118 13.20 -6.04 -27.68
N ALA B 119 13.45 -4.87 -28.25
CA ALA B 119 12.38 -3.94 -28.62
C ALA B 119 11.47 -4.52 -29.71
N GLN B 120 11.83 -5.68 -30.26
CA GLN B 120 10.98 -6.33 -31.25
C GLN B 120 9.64 -6.67 -30.61
N SER B 121 9.65 -6.77 -29.28
CA SER B 121 8.42 -7.01 -28.53
C SER B 121 7.30 -6.10 -28.98
N LEU B 122 7.66 -4.85 -29.25
CA LEU B 122 6.67 -3.85 -29.66
C LEU B 122 6.05 -4.19 -31.01
N CYS B 123 6.85 -4.75 -31.90
CA CYS B 123 6.33 -5.16 -33.20
C CYS B 123 5.36 -6.31 -32.99
N PHE B 124 5.83 -7.33 -32.27
CA PHE B 124 5.00 -8.48 -31.92
C PHE B 124 3.63 -8.06 -31.42
N LEU B 125 3.60 -7.09 -30.50
CA LEU B 125 2.32 -6.63 -29.95
C LEU B 125 1.53 -5.83 -30.96
N GLY B 126 2.24 -5.19 -31.89
CA GLY B 126 1.61 -4.38 -32.91
C GLY B 126 0.75 -5.22 -33.83
N LEU B 127 1.35 -6.27 -34.38
CA LEU B 127 0.66 -7.16 -35.30
C LEU B 127 -0.31 -8.09 -34.56
N LEU B 128 0.00 -8.42 -33.31
CA LEU B 128 -0.88 -9.28 -32.53
C LEU B 128 -2.22 -8.60 -32.29
N SER B 129 -2.19 -7.45 -31.64
CA SER B 129 -3.41 -6.71 -31.35
C SER B 129 -4.13 -6.34 -32.65
N SER B 130 -3.35 -6.12 -33.70
CA SER B 130 -3.91 -5.78 -35.00
C SER B 130 -4.68 -6.97 -35.57
N MET B 131 -4.26 -8.18 -35.20
CA MET B 131 -4.94 -9.39 -35.62
C MET B 131 -6.18 -9.60 -34.76
N SER B 132 -6.05 -9.31 -33.47
CA SER B 132 -7.14 -9.47 -32.52
C SER B 132 -8.31 -8.56 -32.90
N THR B 133 -8.01 -7.46 -33.57
CA THR B 133 -9.04 -6.55 -34.04
C THR B 133 -9.85 -7.21 -35.16
N LEU B 134 -9.17 -7.56 -36.25
CA LEU B 134 -9.84 -8.15 -37.40
C LEU B 134 -10.64 -9.40 -37.05
N VAL B 135 -10.15 -10.18 -36.08
CA VAL B 135 -10.84 -11.38 -35.64
C VAL B 135 -12.05 -11.00 -34.80
N ASP B 136 -11.98 -9.84 -34.16
CA ASP B 136 -13.08 -9.32 -33.34
C ASP B 136 -14.17 -8.69 -34.20
N LEU B 137 -13.78 -8.13 -35.34
CA LEU B 137 -14.69 -7.39 -36.21
C LEU B 137 -16.05 -8.06 -36.38
N PRO B 138 -16.06 -9.36 -36.74
CA PRO B 138 -17.34 -10.04 -36.98
C PRO B 138 -18.27 -9.99 -35.78
N LEU B 139 -17.73 -10.21 -34.59
CA LEU B 139 -18.53 -10.17 -33.36
C LEU B 139 -19.02 -8.75 -33.06
N SER B 140 -18.10 -7.79 -33.13
CA SER B 140 -18.43 -6.40 -32.85
C SER B 140 -19.53 -5.86 -33.76
N TYR B 141 -19.54 -6.32 -35.01
CA TYR B 141 -20.59 -5.94 -35.95
C TYR B 141 -21.92 -6.58 -35.57
N TYR B 142 -21.87 -7.85 -35.21
CA TYR B 142 -23.08 -8.59 -34.86
C TYR B 142 -23.79 -7.92 -33.70
N SER B 143 -23.03 -7.60 -32.65
CA SER B 143 -23.58 -7.00 -31.45
C SER B 143 -24.28 -5.67 -31.74
N HIS B 144 -23.66 -4.85 -32.58
CA HIS B 144 -24.16 -3.50 -32.83
C HIS B 144 -25.27 -3.44 -33.90
N PHE B 145 -25.01 -4.03 -35.07
CA PHE B 145 -25.89 -3.85 -36.22
C PHE B 145 -26.90 -4.97 -36.44
N VAL B 146 -27.09 -5.83 -35.44
CA VAL B 146 -28.07 -6.91 -35.54
C VAL B 146 -28.76 -7.11 -34.19
N LEU B 147 -27.98 -7.48 -33.19
CA LEU B 147 -28.51 -7.76 -31.86
C LEU B 147 -29.20 -6.54 -31.29
N GLU B 148 -28.64 -5.37 -31.58
CA GLU B 148 -29.12 -4.12 -31.00
C GLU B 148 -29.72 -3.16 -32.05
N GLU B 149 -29.76 -3.60 -33.31
CA GLU B 149 -30.50 -2.87 -34.32
C GLU B 149 -31.92 -3.42 -34.38
N LYS B 150 -32.07 -4.67 -33.98
CA LYS B 150 -33.38 -5.31 -33.92
C LYS B 150 -34.25 -4.68 -32.85
N PHE B 151 -33.60 -4.06 -31.86
CA PHE B 151 -34.30 -3.42 -30.76
C PHE B 151 -34.15 -1.90 -30.82
N GLY B 152 -33.97 -1.37 -32.02
CA GLY B 152 -33.87 0.07 -32.21
C GLY B 152 -32.93 0.69 -31.20
N PHE B 153 -31.93 -0.08 -30.80
CA PHE B 153 -31.00 0.33 -29.77
C PHE B 153 -29.73 0.96 -30.36
N ASN B 154 -29.31 0.48 -31.53
CA ASN B 154 -28.07 0.91 -32.16
C ASN B 154 -28.28 2.18 -32.98
N LYS B 155 -27.48 3.21 -32.70
CA LYS B 155 -27.60 4.49 -33.37
C LYS B 155 -26.34 4.84 -34.17
N LEU B 156 -25.67 3.80 -34.67
CA LEU B 156 -24.42 4.00 -35.41
C LEU B 156 -24.59 3.73 -36.89
N THR B 157 -23.91 4.52 -37.70
CA THR B 157 -23.76 4.22 -39.11
C THR B 157 -22.51 3.36 -39.23
N VAL B 158 -22.44 2.55 -40.27
CA VAL B 158 -21.27 1.69 -40.46
C VAL B 158 -20.04 2.58 -40.48
N LYS B 159 -20.21 3.76 -41.06
CA LYS B 159 -19.13 4.75 -41.19
C LYS B 159 -18.53 5.11 -39.83
N LEU B 160 -19.39 5.45 -38.88
CA LEU B 160 -18.94 5.90 -37.56
C LEU B 160 -18.37 4.75 -36.74
N TRP B 161 -18.90 3.55 -36.94
CA TRP B 161 -18.40 2.37 -36.24
C TRP B 161 -16.94 2.13 -36.61
N ILE B 162 -16.67 2.07 -37.91
CA ILE B 162 -15.32 1.86 -38.41
C ILE B 162 -14.39 2.98 -37.95
N THR B 163 -14.87 4.22 -38.05
CA THR B 163 -14.09 5.39 -37.66
C THR B 163 -13.71 5.32 -36.18
N ASP B 164 -14.63 4.84 -35.35
CA ASP B 164 -14.40 4.75 -33.92
C ASP B 164 -13.36 3.68 -33.61
N MET B 165 -13.45 2.56 -34.31
CA MET B 165 -12.49 1.48 -34.15
C MET B 165 -11.09 1.97 -34.49
N ILE B 166 -10.96 2.70 -35.59
CA ILE B 166 -9.68 3.22 -36.05
C ILE B 166 -9.12 4.28 -35.09
N LYS B 167 -10.00 5.09 -34.52
CA LYS B 167 -9.56 6.12 -33.57
C LYS B 167 -9.10 5.48 -32.25
N SER B 168 -9.75 4.38 -31.87
CA SER B 168 -9.43 3.71 -30.62
C SER B 168 -8.09 2.99 -30.71
N LEU B 169 -7.86 2.29 -31.82
CA LEU B 169 -6.61 1.58 -32.05
C LEU B 169 -5.46 2.55 -32.29
N THR B 170 -5.73 3.61 -33.06
CA THR B 170 -4.72 4.60 -33.37
C THR B 170 -4.27 5.24 -32.07
N LEU B 171 -5.24 5.48 -31.19
CA LEU B 171 -4.96 5.99 -29.86
C LEU B 171 -4.17 4.97 -29.04
N ALA B 172 -4.54 3.70 -29.18
CA ALA B 172 -3.92 2.62 -28.42
C ALA B 172 -2.41 2.54 -28.67
N TYR B 173 -2.01 2.66 -29.94
CA TYR B 173 -0.58 2.65 -30.26
C TYR B 173 0.06 3.97 -29.87
N ALA B 174 -0.63 5.07 -30.18
CA ALA B 174 -0.08 6.40 -29.98
C ALA B 174 0.40 6.62 -28.56
N ILE B 175 -0.42 6.24 -27.58
CA ILE B 175 -0.05 6.44 -26.17
C ILE B 175 0.25 5.12 -25.46
N GLY B 176 -0.32 4.02 -25.93
CA GLY B 176 -0.08 2.73 -25.32
C GLY B 176 1.33 2.23 -25.59
N GLY B 177 1.80 2.41 -26.81
CA GLY B 177 3.13 1.97 -27.20
C GLY B 177 4.22 2.58 -26.34
N PRO B 178 4.33 3.92 -26.36
CA PRO B 178 5.34 4.66 -25.59
C PRO B 178 5.41 4.22 -24.14
N ILE B 179 4.25 4.08 -23.49
CA ILE B 179 4.22 3.68 -22.09
C ILE B 179 4.79 2.28 -21.92
N LEU B 180 4.43 1.37 -22.83
CA LEU B 180 4.97 0.01 -22.80
C LEU B 180 6.48 0.04 -22.97
N TYR B 181 6.96 0.84 -23.92
CA TYR B 181 8.40 0.98 -24.13
C TYR B 181 9.08 1.33 -22.81
N LEU B 182 8.57 2.35 -22.15
CA LEU B 182 9.11 2.77 -20.86
C LEU B 182 8.93 1.65 -19.82
N PHE B 183 7.78 0.99 -19.86
CA PHE B 183 7.49 -0.09 -18.92
C PHE B 183 8.46 -1.25 -19.06
N LEU B 184 8.77 -1.63 -20.30
CA LEU B 184 9.66 -2.76 -20.56
C LEU B 184 11.10 -2.38 -20.22
N LYS B 185 11.45 -1.12 -20.49
CA LYS B 185 12.80 -0.65 -20.24
C LYS B 185 13.10 -0.58 -18.74
N ILE B 186 12.06 -0.59 -17.92
CA ILE B 186 12.24 -0.63 -16.47
C ILE B 186 12.78 -2.00 -16.04
N PHE B 187 12.38 -3.04 -16.75
CA PHE B 187 12.83 -4.39 -16.45
C PHE B 187 14.28 -4.63 -16.87
N ASP B 188 14.70 -4.01 -17.97
CA ASP B 188 16.08 -4.15 -18.42
C ASP B 188 17.01 -3.35 -17.53
N LYS B 189 16.54 -2.20 -17.05
CA LYS B 189 17.35 -1.35 -16.18
C LYS B 189 17.38 -1.88 -14.75
N PHE B 190 16.32 -2.59 -14.36
CA PHE B 190 16.24 -3.15 -13.01
C PHE B 190 15.76 -4.59 -13.03
N PRO B 191 16.59 -5.51 -13.55
CA PRO B 191 16.21 -6.93 -13.63
C PRO B 191 16.14 -7.60 -12.26
N THR B 192 16.77 -6.99 -11.26
CA THR B 192 16.80 -7.58 -9.91
C THR B 192 15.69 -6.99 -9.03
N ASP B 193 15.62 -5.67 -8.97
CA ASP B 193 14.58 -5.00 -8.19
C ASP B 193 13.74 -4.07 -9.05
N PHE B 194 12.73 -4.62 -9.71
CA PHE B 194 11.86 -3.85 -10.58
C PHE B 194 10.53 -3.54 -9.89
N LEU B 195 10.16 -4.39 -8.94
CA LEU B 195 8.82 -4.34 -8.35
C LEU B 195 8.39 -2.93 -7.99
N TRP B 196 9.11 -2.29 -7.07
CA TRP B 196 8.72 -0.96 -6.59
C TRP B 196 8.91 0.14 -7.64
N TYR B 197 9.83 -0.08 -8.58
CA TYR B 197 10.03 0.88 -9.65
C TYR B 197 8.85 0.86 -10.62
N ILE B 198 8.48 -0.33 -11.08
CA ILE B 198 7.34 -0.46 -11.97
C ILE B 198 6.05 -0.17 -11.22
N MET B 199 6.09 -0.31 -9.90
CA MET B 199 4.93 -0.01 -9.07
C MET B 199 4.63 1.48 -9.05
N VAL B 200 5.61 2.29 -8.63
CA VAL B 200 5.45 3.73 -8.62
C VAL B 200 5.13 4.19 -10.04
N PHE B 201 5.74 3.53 -11.03
CA PHE B 201 5.47 3.85 -12.42
C PHE B 201 3.99 3.68 -12.76
N LEU B 202 3.42 2.55 -12.36
CA LEU B 202 2.02 2.26 -12.66
C LEU B 202 1.10 3.21 -11.90
N PHE B 203 1.52 3.62 -10.72
CA PHE B 203 0.77 4.58 -9.94
C PHE B 203 0.62 5.84 -10.79
N VAL B 204 1.74 6.32 -11.31
CA VAL B 204 1.75 7.52 -12.14
C VAL B 204 0.94 7.35 -13.41
N VAL B 205 0.98 6.15 -14.00
CA VAL B 205 0.22 5.88 -15.21
C VAL B 205 -1.28 5.88 -14.94
N GLN B 206 -1.65 5.44 -13.74
CA GLN B 206 -3.05 5.37 -13.36
C GLN B 206 -3.61 6.78 -13.19
N ILE B 207 -2.90 7.61 -12.43
CA ILE B 207 -3.30 8.99 -12.24
C ILE B 207 -3.48 9.68 -13.59
N LEU B 208 -2.47 9.58 -14.44
CA LEU B 208 -2.54 10.17 -15.77
C LEU B 208 -3.71 9.61 -16.56
N ALA B 209 -4.01 8.33 -16.36
CA ALA B 209 -5.10 7.68 -17.07
C ALA B 209 -6.44 8.32 -16.75
N MET B 210 -6.77 8.38 -15.46
CA MET B 210 -8.06 8.92 -15.01
C MET B 210 -8.17 10.42 -15.22
N THR B 211 -7.03 11.11 -15.27
CA THR B 211 -7.03 12.55 -15.46
C THR B 211 -7.05 12.99 -16.93
N ILE B 212 -6.44 12.19 -17.79
CA ILE B 212 -6.22 12.59 -19.18
C ILE B 212 -7.27 12.01 -20.14
N ILE B 213 -7.75 10.81 -19.84
CA ILE B 213 -8.68 10.13 -20.73
C ILE B 213 -10.01 10.89 -20.89
N PRO B 214 -10.61 11.30 -19.77
CA PRO B 214 -11.91 11.98 -19.84
C PRO B 214 -11.81 13.42 -20.32
N VAL B 215 -10.72 14.10 -19.95
CA VAL B 215 -10.58 15.52 -20.23
C VAL B 215 -10.16 15.80 -21.68
N PHE B 216 -9.21 15.02 -22.19
CA PHE B 216 -8.63 15.28 -23.50
C PHE B 216 -9.00 14.25 -24.57
N ILE B 217 -8.96 12.97 -24.23
CA ILE B 217 -9.19 11.92 -25.21
C ILE B 217 -10.66 11.78 -25.59
N MET B 218 -11.55 11.81 -24.60
CA MET B 218 -12.98 11.57 -24.83
C MET B 218 -13.66 12.66 -25.67
N PRO B 219 -13.30 13.93 -25.45
CA PRO B 219 -13.88 15.02 -26.26
C PRO B 219 -13.79 14.76 -27.77
N LEU B 220 -12.81 13.98 -28.22
CA LEU B 220 -12.66 13.67 -29.63
C LEU B 220 -13.71 12.66 -30.09
N PHE B 221 -14.22 11.88 -29.14
CA PHE B 221 -15.26 10.89 -29.43
C PHE B 221 -16.64 11.54 -29.47
N ASN B 222 -16.95 12.39 -28.48
CA ASN B 222 -18.28 13.00 -28.39
C ASN B 222 -18.21 14.52 -28.43
N LYS B 223 -19.27 15.13 -28.94
CA LYS B 223 -19.38 16.58 -29.04
C LYS B 223 -19.94 17.18 -27.76
N PHE B 224 -19.10 17.92 -27.03
CA PHE B 224 -19.52 18.54 -25.79
C PHE B 224 -20.10 19.94 -26.05
N THR B 225 -21.36 20.11 -25.67
CA THR B 225 -22.05 21.38 -25.82
C THR B 225 -22.47 21.86 -24.43
N PRO B 226 -22.52 23.19 -24.21
CA PRO B 226 -22.79 23.66 -22.85
C PRO B 226 -24.26 23.59 -22.46
N LEU B 227 -24.52 23.31 -21.19
CA LEU B 227 -25.89 23.17 -20.70
C LEU B 227 -26.66 24.48 -20.90
N GLU B 228 -27.73 24.39 -21.68
CA GLU B 228 -28.56 25.55 -21.97
C GLU B 228 -28.96 26.30 -20.70
N ASP B 229 -28.43 27.51 -20.53
CA ASP B 229 -28.74 28.33 -19.36
C ASP B 229 -30.25 28.46 -19.20
N GLY B 230 -30.74 28.27 -17.98
CA GLY B 230 -32.16 28.33 -17.74
C GLY B 230 -32.59 27.66 -16.45
N GLU B 231 -33.67 26.89 -16.56
CA GLU B 231 -34.31 26.24 -15.42
C GLU B 231 -33.42 25.26 -14.67
N LEU B 232 -33.07 24.16 -15.33
CA LEU B 232 -32.37 23.05 -14.69
C LEU B 232 -30.99 23.45 -14.17
N LYS B 233 -30.30 24.31 -14.91
CA LYS B 233 -28.99 24.79 -14.52
C LYS B 233 -29.02 25.33 -13.10
N LYS B 234 -30.09 26.03 -12.76
CA LYS B 234 -30.26 26.60 -11.42
C LYS B 234 -30.41 25.50 -10.37
N SER B 235 -31.14 24.44 -10.73
CA SER B 235 -31.37 23.33 -9.81
C SER B 235 -30.07 22.65 -9.42
N ILE B 236 -29.34 22.16 -10.42
CA ILE B 236 -28.08 21.46 -10.14
C ILE B 236 -27.10 22.41 -9.45
N GLU B 237 -27.06 23.66 -9.87
CA GLU B 237 -26.16 24.64 -9.25
C GLU B 237 -26.51 24.91 -7.79
N SER B 238 -27.79 24.86 -7.45
CA SER B 238 -28.21 25.12 -6.08
C SER B 238 -27.75 23.98 -5.19
N LEU B 239 -27.94 22.76 -5.68
CA LEU B 239 -27.50 21.57 -4.95
C LEU B 239 -25.97 21.51 -4.84
N ALA B 240 -25.29 21.96 -5.87
CA ALA B 240 -23.83 21.93 -5.90
C ALA B 240 -23.28 22.84 -4.82
N ASP B 241 -23.62 24.13 -4.90
CA ASP B 241 -23.17 25.09 -3.91
C ASP B 241 -23.58 24.63 -2.52
N ARG B 242 -24.74 24.00 -2.42
CA ARG B 242 -25.24 23.50 -1.14
C ARG B 242 -24.27 22.52 -0.49
N VAL B 243 -23.92 21.47 -1.21
CA VAL B 243 -23.13 20.39 -0.64
C VAL B 243 -21.61 20.65 -0.70
N GLY B 244 -21.21 21.65 -1.47
CA GLY B 244 -19.80 22.01 -1.55
C GLY B 244 -19.09 21.30 -2.69
N PHE B 245 -19.75 21.25 -3.84
CA PHE B 245 -19.20 20.63 -5.03
C PHE B 245 -18.79 21.73 -6.00
N PRO B 246 -17.50 21.78 -6.39
CA PRO B 246 -17.08 22.85 -7.29
C PRO B 246 -17.63 22.62 -8.69
N LEU B 247 -17.53 23.62 -9.56
CA LEU B 247 -18.16 23.53 -10.86
C LEU B 247 -17.60 24.54 -11.85
N ASP B 248 -16.91 24.05 -12.87
CA ASP B 248 -16.36 24.90 -13.92
C ASP B 248 -17.52 25.27 -14.85
N LYS B 249 -18.29 24.26 -15.23
CA LYS B 249 -19.51 24.46 -16.02
C LYS B 249 -20.20 23.12 -16.22
N ILE B 250 -21.43 23.16 -16.72
CA ILE B 250 -22.17 21.94 -17.03
C ILE B 250 -22.36 21.80 -18.53
N PHE B 251 -22.03 20.63 -19.04
CA PHE B 251 -22.18 20.33 -20.46
C PHE B 251 -23.07 19.12 -20.65
N VAL B 252 -23.83 19.11 -21.74
CA VAL B 252 -24.63 17.95 -22.10
C VAL B 252 -24.03 17.23 -23.31
N ILE B 253 -23.47 16.06 -23.06
CA ILE B 253 -22.79 15.26 -24.08
C ILE B 253 -23.78 14.58 -25.01
N ASP B 254 -23.36 14.36 -26.26
CA ASP B 254 -24.19 13.70 -27.25
C ASP B 254 -23.90 12.20 -27.28
N GLY B 255 -24.47 11.48 -26.32
CA GLY B 255 -24.30 10.03 -26.26
C GLY B 255 -25.38 9.31 -27.03
N SER B 256 -26.16 10.04 -27.82
CA SER B 256 -27.23 9.46 -28.61
C SER B 256 -26.70 8.79 -29.88
N LYS B 257 -25.60 9.32 -30.43
CA LYS B 257 -25.04 8.79 -31.67
C LYS B 257 -24.47 7.39 -31.46
N ARG B 258 -24.09 7.07 -30.23
CA ARG B 258 -23.57 5.76 -29.90
C ARG B 258 -24.71 4.76 -29.68
N SER B 259 -25.51 5.01 -28.65
CA SER B 259 -26.64 4.14 -28.33
C SER B 259 -27.58 4.88 -27.39
N SER B 260 -28.82 4.39 -27.30
CA SER B 260 -29.83 5.03 -26.45
C SER B 260 -29.70 4.62 -24.98
N HIS B 261 -28.50 4.78 -24.42
CA HIS B 261 -28.31 4.60 -22.98
C HIS B 261 -28.13 5.97 -22.34
N SER B 262 -28.52 6.07 -21.08
CA SER B 262 -28.45 7.34 -20.37
C SER B 262 -27.52 7.19 -19.17
N ASN B 263 -26.84 8.28 -18.84
CA ASN B 263 -25.89 8.31 -17.73
C ASN B 263 -25.51 9.74 -17.38
N ALA B 264 -24.84 9.91 -16.26
CA ALA B 264 -24.36 11.22 -15.83
C ALA B 264 -23.00 11.06 -15.14
N TYR B 265 -22.14 12.05 -15.29
CA TYR B 265 -20.78 11.96 -14.78
C TYR B 265 -20.17 13.30 -14.47
N PHE B 266 -19.07 13.27 -13.71
CA PHE B 266 -18.29 14.45 -13.38
C PHE B 266 -16.86 14.22 -13.88
N THR B 267 -16.20 15.30 -14.29
CA THR B 267 -14.83 15.19 -14.77
C THR B 267 -13.90 15.76 -13.71
N GLY B 268 -13.20 14.86 -13.02
CA GLY B 268 -12.23 15.27 -12.02
C GLY B 268 -11.03 15.90 -12.68
N LEU B 269 -10.43 16.88 -12.02
CA LEU B 269 -9.28 17.57 -12.61
C LEU B 269 -8.01 16.72 -12.51
N PRO B 270 -7.76 16.07 -11.37
CA PRO B 270 -8.41 16.03 -10.05
C PRO B 270 -8.00 17.19 -9.16
N PHE B 271 -8.86 17.56 -8.22
CA PHE B 271 -8.55 18.57 -7.21
C PHE B 271 -8.69 19.98 -7.76
N THR B 272 -9.71 20.17 -8.61
CA THR B 272 -10.02 21.49 -9.14
C THR B 272 -11.47 21.46 -9.62
N SER B 273 -11.95 22.58 -10.14
CA SER B 273 -13.27 22.64 -10.77
C SER B 273 -13.52 21.38 -11.61
N LYS B 274 -14.78 20.92 -11.59
CA LYS B 274 -15.17 19.71 -12.30
C LYS B 274 -16.37 19.98 -13.21
N ARG B 275 -16.27 19.54 -14.46
CA ARG B 275 -17.37 19.71 -15.40
C ARG B 275 -18.37 18.60 -15.23
N ILE B 276 -19.65 18.93 -15.31
CA ILE B 276 -20.70 17.94 -15.17
C ILE B 276 -21.20 17.54 -16.55
N VAL B 277 -20.85 16.34 -16.99
CA VAL B 277 -21.26 15.87 -18.29
C VAL B 277 -22.58 15.10 -18.14
N LEU B 278 -23.57 15.49 -18.94
CA LEU B 278 -24.89 14.89 -18.86
C LEU B 278 -25.29 14.31 -20.21
N PHE B 279 -25.83 13.10 -20.22
CA PHE B 279 -26.19 12.46 -21.48
C PHE B 279 -27.39 13.16 -22.11
N ASP B 280 -27.30 13.40 -23.42
CA ASP B 280 -28.37 14.05 -24.16
C ASP B 280 -29.67 13.25 -24.08
N THR B 281 -29.55 11.92 -24.08
CA THR B 281 -30.74 11.06 -24.05
C THR B 281 -31.36 11.07 -22.65
N LEU B 282 -30.61 11.55 -21.67
CA LEU B 282 -31.10 11.67 -20.30
C LEU B 282 -31.89 12.95 -20.11
N VAL B 283 -31.32 14.08 -20.52
CA VAL B 283 -31.97 15.38 -20.35
C VAL B 283 -33.17 15.56 -21.29
N ASN B 284 -33.09 14.98 -22.48
CA ASN B 284 -34.19 15.02 -23.43
C ASN B 284 -35.37 14.31 -22.78
N SER B 285 -35.37 12.98 -22.89
CA SER B 285 -36.42 12.17 -22.30
C SER B 285 -36.00 11.79 -20.88
N ASN B 286 -36.85 11.07 -20.16
CA ASN B 286 -36.42 10.48 -18.89
C ASN B 286 -36.13 11.54 -17.84
N SER B 287 -36.91 12.61 -17.81
CA SER B 287 -36.66 13.69 -16.86
C SER B 287 -37.75 13.81 -15.81
N THR B 288 -37.44 13.32 -14.62
CA THR B 288 -38.30 13.42 -13.45
C THR B 288 -37.74 14.50 -12.54
N ASP B 289 -38.56 15.46 -12.12
CA ASP B 289 -38.07 16.57 -11.31
C ASP B 289 -36.96 17.19 -12.16
N GLU B 290 -36.00 16.33 -12.50
CA GLU B 290 -35.18 16.42 -13.71
C GLU B 290 -33.75 15.99 -13.42
N ILE B 291 -33.59 14.69 -13.17
CA ILE B 291 -32.28 14.07 -13.10
C ILE B 291 -31.46 14.58 -11.91
N THR B 292 -32.11 15.28 -10.98
CA THR B 292 -31.40 15.79 -9.81
C THR B 292 -31.08 14.61 -8.90
N ALA B 293 -31.99 13.64 -8.87
CA ALA B 293 -31.78 12.41 -8.12
C ALA B 293 -30.51 11.73 -8.61
N VAL B 294 -30.32 11.73 -9.92
CA VAL B 294 -29.10 11.17 -10.50
C VAL B 294 -27.87 11.84 -9.92
N LEU B 295 -27.83 13.17 -9.99
CA LEU B 295 -26.65 13.91 -9.52
C LEU B 295 -26.44 13.78 -8.02
N ALA B 296 -27.50 13.46 -7.28
CA ALA B 296 -27.34 13.14 -5.88
C ALA B 296 -26.59 11.82 -5.76
N HIS B 297 -26.98 10.85 -6.57
CA HIS B 297 -26.30 9.57 -6.61
C HIS B 297 -24.84 9.70 -7.03
N GLU B 298 -24.60 10.51 -8.05
CA GLU B 298 -23.28 10.61 -8.67
C GLU B 298 -22.36 11.50 -7.86
N ILE B 299 -22.97 12.37 -7.06
CA ILE B 299 -22.22 13.15 -6.10
C ILE B 299 -22.02 12.27 -4.87
N GLY B 300 -22.88 11.27 -4.72
CA GLY B 300 -22.70 10.26 -3.69
C GLY B 300 -21.35 9.55 -3.78
N HIS B 301 -20.95 9.20 -5.00
CA HIS B 301 -19.66 8.55 -5.21
C HIS B 301 -18.52 9.44 -4.78
N TRP B 302 -18.63 10.72 -5.09
CA TRP B 302 -17.58 11.69 -4.81
C TRP B 302 -17.46 12.01 -3.34
N GLN B 303 -18.61 12.14 -2.68
CA GLN B 303 -18.67 12.62 -1.31
C GLN B 303 -17.91 11.67 -0.38
N LYS B 304 -17.98 10.39 -0.69
CA LYS B 304 -17.36 9.36 0.14
C LYS B 304 -16.01 8.95 -0.41
N ASN B 305 -15.51 9.70 -1.38
CA ASN B 305 -14.22 9.40 -1.99
C ASN B 305 -14.13 7.92 -2.38
N HIS B 306 -15.04 7.48 -3.23
CA HIS B 306 -15.09 6.09 -3.66
C HIS B 306 -13.97 5.77 -4.65
N ILE B 307 -13.70 6.69 -5.57
CA ILE B 307 -12.65 6.48 -6.56
C ILE B 307 -11.33 6.25 -5.87
N VAL B 308 -11.08 6.97 -4.79
CA VAL B 308 -9.87 6.77 -3.99
C VAL B 308 -9.87 5.39 -3.35
N ASN B 309 -10.99 5.03 -2.72
CA ASN B 309 -11.13 3.73 -2.09
C ASN B 309 -10.81 2.60 -3.06
N MET B 310 -11.14 2.81 -4.33
CA MET B 310 -10.93 1.81 -5.35
C MET B 310 -9.50 1.81 -5.90
N VAL B 311 -8.92 3.00 -6.03
CA VAL B 311 -7.55 3.12 -6.54
C VAL B 311 -6.58 2.43 -5.59
N ILE B 312 -6.81 2.57 -4.29
CA ILE B 312 -5.98 1.90 -3.30
C ILE B 312 -6.10 0.38 -3.47
N PHE B 313 -7.32 -0.10 -3.64
CA PHE B 313 -7.55 -1.52 -3.84
C PHE B 313 -6.96 -1.97 -5.18
N SER B 314 -6.81 -1.03 -6.10
CA SER B 314 -6.18 -1.31 -7.38
C SER B 314 -4.67 -1.45 -7.20
N GLN B 315 -4.09 -0.66 -6.31
CA GLN B 315 -2.67 -0.76 -6.03
C GLN B 315 -2.36 -2.08 -5.34
N LEU B 316 -3.27 -2.53 -4.48
CA LEU B 316 -3.13 -3.85 -3.87
C LEU B 316 -3.17 -4.95 -4.94
N HIS B 317 -4.15 -4.87 -5.84
CA HIS B 317 -4.25 -5.83 -6.93
C HIS B 317 -2.93 -5.93 -7.70
N THR B 318 -2.46 -4.78 -8.18
CA THR B 318 -1.24 -4.69 -8.95
C THR B 318 -0.02 -5.23 -8.21
N PHE B 319 0.06 -4.96 -6.91
CA PHE B 319 1.20 -5.43 -6.13
C PHE B 319 1.19 -6.95 -6.04
N LEU B 320 0.02 -7.52 -5.85
CA LEU B 320 -0.12 -8.96 -5.78
C LEU B 320 0.39 -9.57 -7.09
N ILE B 321 -0.08 -9.01 -8.20
CA ILE B 321 0.28 -9.51 -9.52
C ILE B 321 1.79 -9.49 -9.76
N PHE B 322 2.41 -8.33 -9.58
CA PHE B 322 3.82 -8.17 -9.88
C PHE B 322 4.70 -8.67 -8.75
N SER B 323 4.09 -9.02 -7.63
CA SER B 323 4.80 -9.70 -6.55
C SER B 323 5.01 -11.14 -6.97
N LEU B 324 3.95 -11.75 -7.51
CA LEU B 324 4.02 -13.12 -7.99
C LEU B 324 4.85 -13.23 -9.27
N PHE B 325 4.80 -12.19 -10.09
CA PHE B 325 5.56 -12.16 -11.34
C PHE B 325 7.03 -12.46 -11.10
N THR B 326 7.55 -11.96 -9.98
CA THR B 326 8.95 -12.14 -9.61
C THR B 326 9.42 -13.60 -9.68
N SER B 327 8.49 -14.53 -9.48
CA SER B 327 8.86 -15.95 -9.42
C SER B 327 9.08 -16.55 -10.80
N ILE B 328 8.23 -16.16 -11.77
CA ILE B 328 8.23 -16.79 -13.08
C ILE B 328 8.51 -15.80 -14.22
N TYR B 329 9.35 -14.80 -13.97
CA TYR B 329 9.71 -13.86 -15.03
C TYR B 329 11.10 -14.16 -15.57
N ARG B 330 11.87 -14.93 -14.80
CA ARG B 330 13.18 -15.40 -15.24
C ARG B 330 13.16 -16.93 -15.37
N ASN B 331 12.27 -17.57 -14.63
CA ASN B 331 12.05 -19.01 -14.75
C ASN B 331 12.25 -19.40 -16.21
N SER B 332 12.95 -20.50 -16.47
CA SER B 332 13.32 -20.84 -17.84
C SER B 332 12.49 -21.97 -18.44
N SER B 333 12.12 -22.93 -17.61
CA SER B 333 11.27 -24.03 -18.09
C SER B 333 9.96 -23.45 -18.63
N PHE B 334 9.51 -22.36 -18.01
CA PHE B 334 8.25 -21.75 -18.38
C PHE B 334 8.37 -21.10 -19.77
N TYR B 335 9.13 -20.01 -19.86
CA TYR B 335 9.31 -19.32 -21.13
C TYR B 335 9.61 -20.32 -22.25
N ASN B 336 10.35 -21.37 -21.92
CA ASN B 336 10.86 -22.30 -22.93
C ASN B 336 9.78 -23.23 -23.44
N THR B 337 8.90 -23.70 -22.55
CA THR B 337 7.80 -24.59 -22.94
C THR B 337 6.99 -24.01 -24.10
N PHE B 338 6.82 -22.70 -24.12
CA PHE B 338 5.99 -22.05 -25.13
C PHE B 338 6.83 -21.53 -26.30
N GLY B 339 8.02 -22.12 -26.49
CA GLY B 339 8.86 -21.81 -27.62
C GLY B 339 9.53 -20.45 -27.54
N PHE B 340 10.25 -20.21 -26.45
CA PHE B 340 11.01 -18.97 -26.29
C PHE B 340 12.30 -19.22 -25.54
N PHE B 341 13.43 -19.05 -26.23
CA PHE B 341 14.73 -19.39 -25.66
C PHE B 341 15.73 -18.24 -25.72
N VAL B 342 16.81 -18.40 -24.96
CA VAL B 342 17.88 -17.42 -24.91
C VAL B 342 19.20 -18.09 -25.26
N GLU B 343 20.11 -17.31 -25.84
CA GLU B 343 21.41 -17.80 -26.26
C GLU B 343 21.35 -19.18 -26.95
N LYS B 344 20.31 -19.38 -27.74
CA LYS B 344 20.31 -20.44 -28.76
C LYS B 344 20.14 -21.87 -28.23
N SER B 345 19.08 -22.12 -27.47
CA SER B 345 18.82 -23.47 -26.97
C SER B 345 18.22 -24.36 -28.07
N SER B 346 18.27 -25.67 -27.85
CA SER B 346 17.70 -26.65 -28.79
C SER B 346 16.75 -27.60 -28.09
N SER B 347 16.37 -28.67 -28.80
CA SER B 347 15.38 -29.65 -28.32
C SER B 347 13.97 -29.20 -28.66
N GLY B 348 13.86 -28.13 -29.45
CA GLY B 348 12.58 -27.58 -29.83
C GLY B 348 12.54 -27.21 -31.31
N PHE B 349 11.33 -26.94 -31.81
CA PHE B 349 11.13 -26.43 -33.16
C PHE B 349 11.58 -24.98 -33.35
N VAL B 350 11.57 -24.50 -34.58
CA VAL B 350 11.91 -23.11 -34.87
C VAL B 350 11.39 -22.18 -33.79
N ASP B 351 12.32 -21.56 -33.09
CA ASP B 351 11.98 -20.79 -31.90
C ASP B 351 12.74 -19.46 -31.90
N PRO B 352 12.27 -18.49 -31.11
CA PRO B 352 12.95 -17.20 -31.03
C PRO B 352 14.09 -17.25 -30.01
N VAL B 353 15.30 -16.99 -30.49
CA VAL B 353 16.47 -16.95 -29.60
C VAL B 353 16.82 -15.48 -29.38
N ILE B 354 16.72 -15.02 -28.15
CA ILE B 354 16.93 -13.59 -27.90
C ILE B 354 18.06 -13.31 -26.91
N THR B 355 18.76 -12.20 -27.15
CA THR B 355 19.99 -11.87 -26.44
C THR B 355 19.76 -11.68 -24.94
N LYS B 356 18.87 -10.75 -24.62
CA LYS B 356 18.69 -10.34 -23.23
C LYS B 356 17.56 -11.08 -22.54
N GLU B 357 17.94 -11.87 -21.53
CA GLU B 357 16.96 -12.60 -20.75
C GLU B 357 15.90 -13.10 -21.73
N PHE B 358 14.65 -12.96 -21.38
CA PHE B 358 13.55 -13.37 -22.26
C PHE B 358 12.64 -12.17 -22.44
N PRO B 359 11.64 -12.29 -23.33
CA PRO B 359 10.78 -11.12 -23.48
C PRO B 359 9.83 -11.00 -22.30
N ILE B 360 9.99 -9.94 -21.53
CA ILE B 360 9.23 -9.78 -20.30
C ILE B 360 7.74 -9.73 -20.65
N ILE B 361 7.46 -9.18 -21.82
CA ILE B 361 6.08 -9.05 -22.30
C ILE B 361 5.39 -10.41 -22.44
N ILE B 362 6.10 -11.37 -23.03
CA ILE B 362 5.54 -12.69 -23.29
C ILE B 362 5.26 -13.40 -21.97
N GLY B 363 6.24 -13.38 -21.08
CA GLY B 363 6.08 -13.94 -19.76
C GLY B 363 4.93 -13.30 -19.02
N PHE B 364 4.72 -12.01 -19.24
CA PHE B 364 3.60 -11.32 -18.61
C PHE B 364 2.25 -11.85 -19.10
N MET B 365 2.10 -11.99 -20.41
CA MET B 365 0.84 -12.48 -20.98
C MET B 365 0.51 -13.88 -20.48
N LEU B 366 1.46 -14.80 -20.61
CA LEU B 366 1.23 -16.18 -20.21
C LEU B 366 0.92 -16.21 -18.70
N PHE B 367 1.62 -15.37 -17.96
CA PHE B 367 1.36 -15.23 -16.53
C PHE B 367 -0.05 -14.70 -16.32
N ASN B 368 -0.50 -13.84 -17.22
CA ASN B 368 -1.83 -13.23 -17.12
C ASN B 368 -2.87 -14.34 -17.17
N ASP B 369 -2.66 -15.29 -18.08
CA ASP B 369 -3.56 -16.43 -18.22
C ASP B 369 -3.29 -17.53 -17.19
N LEU B 370 -2.15 -17.47 -16.52
CA LEU B 370 -1.91 -18.32 -15.35
C LEU B 370 -2.79 -17.91 -14.16
N LEU B 371 -3.04 -16.61 -14.02
CA LEU B 371 -3.74 -16.08 -12.86
C LEU B 371 -5.26 -16.23 -12.90
N THR B 372 -5.80 -16.53 -14.09
CA THR B 372 -7.24 -16.46 -14.30
C THR B 372 -8.11 -16.84 -13.07
N PRO B 373 -7.72 -17.88 -12.32
CA PRO B 373 -8.52 -18.13 -11.12
C PRO B 373 -8.47 -16.95 -10.13
N LEU B 374 -7.29 -16.40 -9.92
CA LEU B 374 -7.14 -15.24 -9.05
C LEU B 374 -7.99 -14.09 -9.54
N GLU B 375 -8.08 -13.92 -10.85
CA GLU B 375 -8.88 -12.85 -11.43
C GLU B 375 -10.35 -13.03 -11.12
N CYS B 376 -10.83 -14.27 -11.20
CA CYS B 376 -12.20 -14.56 -10.81
C CYS B 376 -12.46 -14.14 -9.38
N ALA B 377 -11.54 -14.50 -8.48
CA ALA B 377 -11.65 -14.10 -7.08
C ALA B 377 -11.71 -12.57 -6.95
N MET B 378 -10.83 -11.87 -7.67
CA MET B 378 -10.75 -10.42 -7.59
C MET B 378 -11.84 -9.80 -8.45
N GLN B 379 -12.54 -10.63 -9.20
CA GLN B 379 -13.72 -10.19 -9.93
C GLN B 379 -14.92 -10.15 -8.98
N PHE B 380 -15.01 -11.15 -8.11
CA PHE B 380 -16.01 -11.13 -7.04
C PHE B 380 -15.79 -9.92 -6.16
N ILE B 381 -14.55 -9.77 -5.70
CA ILE B 381 -14.22 -8.69 -4.78
C ILE B 381 -14.41 -7.30 -5.40
N MET B 382 -13.90 -7.10 -6.62
CA MET B 382 -14.00 -5.80 -7.28
C MET B 382 -15.45 -5.44 -7.57
N SER B 383 -16.19 -6.39 -8.15
CA SER B 383 -17.59 -6.16 -8.51
C SER B 383 -18.44 -5.91 -7.27
N LEU B 384 -18.15 -6.61 -6.19
CA LEU B 384 -18.93 -6.48 -4.97
C LEU B 384 -18.69 -5.12 -4.31
N ILE B 385 -17.43 -4.69 -4.28
CA ILE B 385 -17.10 -3.39 -3.72
C ILE B 385 -17.85 -2.31 -4.49
N SER B 386 -17.81 -2.39 -5.82
CA SER B 386 -18.55 -1.46 -6.67
C SER B 386 -20.03 -1.49 -6.31
N ARG B 387 -20.54 -2.69 -6.08
CA ARG B 387 -21.94 -2.90 -5.74
C ARG B 387 -22.34 -2.14 -4.48
N THR B 388 -21.56 -2.30 -3.42
CA THR B 388 -21.84 -1.68 -2.13
C THR B 388 -21.55 -0.20 -2.16
N HIS B 389 -20.71 0.23 -3.11
CA HIS B 389 -20.47 1.65 -3.33
C HIS B 389 -21.71 2.29 -3.91
N GLU B 390 -22.37 1.59 -4.84
CA GLU B 390 -23.64 2.05 -5.38
C GLU B 390 -24.72 2.10 -4.30
N TYR B 391 -24.76 1.07 -3.45
CA TYR B 391 -25.67 1.06 -2.31
C TYR B 391 -25.50 2.33 -1.49
N GLN B 392 -24.24 2.64 -1.15
CA GLN B 392 -23.94 3.79 -0.31
C GLN B 392 -24.34 5.10 -0.99
N ALA B 393 -24.15 5.18 -2.30
CA ALA B 393 -24.51 6.38 -3.05
C ALA B 393 -26.02 6.60 -3.08
N ASP B 394 -26.79 5.51 -3.16
CA ASP B 394 -28.24 5.60 -3.14
C ASP B 394 -28.69 6.12 -1.79
N ALA B 395 -28.16 5.53 -0.72
CA ALA B 395 -28.47 5.97 0.64
C ALA B 395 -28.13 7.44 0.81
N TYR B 396 -27.05 7.89 0.20
CA TYR B 396 -26.64 9.28 0.27
C TYR B 396 -27.63 10.19 -0.48
N ALA B 397 -28.17 9.68 -1.58
CA ALA B 397 -29.19 10.41 -2.31
C ALA B 397 -30.45 10.50 -1.46
N LYS B 398 -30.64 9.47 -0.62
CA LYS B 398 -31.74 9.45 0.32
C LYS B 398 -31.58 10.54 1.36
N LYS B 399 -30.35 10.71 1.86
CA LYS B 399 -30.06 11.76 2.82
C LYS B 399 -30.57 13.13 2.34
N LEU B 400 -30.58 13.32 1.02
CA LEU B 400 -31.02 14.59 0.45
C LEU B 400 -32.51 14.62 0.13
N GLY B 401 -33.16 13.47 0.28
CA GLY B 401 -34.61 13.39 0.13
C GLY B 401 -35.10 13.04 -1.26
N TYR B 402 -34.18 12.72 -2.17
CA TYR B 402 -34.55 12.40 -3.55
C TYR B 402 -34.89 10.92 -3.74
N LYS B 403 -35.12 10.21 -2.64
CA LYS B 403 -35.36 8.77 -2.73
C LYS B 403 -36.50 8.44 -3.70
N GLN B 404 -37.64 9.09 -3.54
CA GLN B 404 -38.83 8.74 -4.32
C GLN B 404 -38.63 9.09 -5.80
N ASN B 405 -37.83 10.11 -6.08
CA ASN B 405 -37.53 10.49 -7.45
C ASN B 405 -36.50 9.55 -8.06
N LEU B 406 -35.51 9.16 -7.26
CA LEU B 406 -34.46 8.24 -7.71
C LEU B 406 -35.08 6.94 -8.16
N CYS B 407 -36.07 6.46 -7.42
CA CYS B 407 -36.80 5.25 -7.78
C CYS B 407 -37.40 5.35 -9.19
N ARG B 408 -38.13 6.43 -9.45
CA ARG B 408 -38.75 6.62 -10.76
C ARG B 408 -37.71 6.81 -11.85
N ALA B 409 -36.53 7.31 -11.49
CA ALA B 409 -35.44 7.44 -12.43
C ALA B 409 -35.00 6.07 -12.91
N LEU B 410 -34.63 5.22 -11.95
CA LEU B 410 -34.14 3.87 -12.26
C LEU B 410 -35.15 3.06 -13.05
N ILE B 411 -36.42 3.12 -12.66
CA ILE B 411 -37.45 2.38 -13.39
C ILE B 411 -37.61 2.93 -14.80
N ASP B 412 -37.55 4.25 -14.94
CA ASP B 412 -37.70 4.87 -16.26
C ASP B 412 -36.56 4.48 -17.19
N LEU B 413 -35.37 4.31 -16.64
CA LEU B 413 -34.23 3.85 -17.43
C LEU B 413 -34.41 2.40 -17.86
N GLN B 414 -34.83 1.56 -16.91
CA GLN B 414 -35.02 0.14 -17.16
C GLN B 414 -36.09 -0.11 -18.21
N ILE B 415 -37.10 0.76 -18.25
CA ILE B 415 -38.15 0.65 -19.25
C ILE B 415 -37.59 0.92 -20.64
N LYS B 416 -36.68 1.91 -20.72
CA LYS B 416 -36.14 2.35 -22.00
C LYS B 416 -34.95 1.50 -22.45
N ASN B 417 -34.35 0.77 -21.52
CA ASN B 417 -33.23 -0.12 -21.84
C ASN B 417 -33.64 -1.59 -21.86
N LEU B 418 -34.89 -1.86 -21.49
CA LEU B 418 -35.41 -3.23 -21.48
C LEU B 418 -34.48 -4.15 -20.70
N SER B 419 -33.82 -3.60 -19.68
CA SER B 419 -32.90 -4.37 -18.85
C SER B 419 -33.57 -5.63 -18.30
N THR B 420 -32.76 -6.57 -17.84
CA THR B 420 -33.27 -7.82 -17.28
C THR B 420 -34.01 -7.56 -15.97
N MET B 421 -35.17 -8.18 -15.82
CA MET B 421 -36.03 -7.93 -14.65
C MET B 421 -35.59 -8.73 -13.43
N ASN B 422 -35.83 -10.04 -13.45
CA ASN B 422 -35.40 -10.91 -12.35
C ASN B 422 -34.16 -11.72 -12.70
N VAL B 423 -33.07 -11.48 -11.97
CA VAL B 423 -31.77 -12.06 -12.28
C VAL B 423 -31.37 -13.14 -11.27
N ASP B 424 -30.42 -13.98 -11.68
CA ASP B 424 -29.86 -15.01 -10.80
C ASP B 424 -28.87 -14.40 -9.81
N PRO B 425 -28.96 -14.79 -8.53
CA PRO B 425 -28.08 -14.24 -7.48
C PRO B 425 -26.59 -14.42 -7.78
N LEU B 426 -26.17 -15.64 -8.14
CA LEU B 426 -24.77 -15.93 -8.41
C LEU B 426 -24.31 -15.13 -9.63
N TYR B 427 -25.07 -15.26 -10.72
CA TYR B 427 -24.79 -14.52 -11.94
C TYR B 427 -24.54 -13.05 -11.61
N SER B 428 -25.36 -12.52 -10.70
CA SER B 428 -25.25 -11.12 -10.30
C SER B 428 -24.00 -10.86 -9.46
N SER B 429 -23.64 -11.82 -8.62
CA SER B 429 -22.48 -11.66 -7.76
C SER B 429 -21.20 -11.56 -8.60
N TYR B 430 -21.15 -12.30 -9.69
CA TYR B 430 -19.98 -12.28 -10.57
C TYR B 430 -19.96 -11.07 -11.52
N HIS B 431 -21.01 -10.92 -12.31
CA HIS B 431 -21.02 -9.91 -13.37
C HIS B 431 -21.50 -8.54 -12.92
N TYR B 432 -22.72 -8.48 -12.40
CA TYR B 432 -23.37 -7.21 -12.09
C TYR B 432 -22.55 -6.36 -11.13
N SER B 433 -22.05 -5.23 -11.63
CA SER B 433 -21.37 -4.24 -10.80
C SER B 433 -22.40 -3.36 -10.12
N HIS B 434 -23.57 -3.25 -10.75
CA HIS B 434 -24.68 -2.51 -10.17
C HIS B 434 -25.72 -3.50 -9.65
N PRO B 435 -26.20 -3.27 -8.42
CA PRO B 435 -27.20 -4.17 -7.80
C PRO B 435 -28.49 -4.25 -8.62
N THR B 436 -29.23 -5.34 -8.43
CA THR B 436 -30.51 -5.52 -9.10
C THR B 436 -31.39 -4.30 -8.86
N LEU B 437 -32.14 -3.88 -9.88
CA LEU B 437 -33.05 -2.76 -9.73
C LEU B 437 -33.93 -2.96 -8.49
N ALA B 438 -34.57 -4.12 -8.41
CA ALA B 438 -35.40 -4.47 -7.26
C ALA B 438 -34.62 -4.28 -5.96
N GLU B 439 -33.33 -4.60 -6.00
CA GLU B 439 -32.48 -4.51 -4.82
C GLU B 439 -32.12 -3.06 -4.49
N ARG B 440 -32.11 -2.22 -5.52
CA ARG B 440 -31.87 -0.79 -5.32
C ARG B 440 -33.11 -0.10 -4.77
N LEU B 441 -34.28 -0.63 -5.12
CA LEU B 441 -35.54 -0.08 -4.63
C LEU B 441 -35.73 -0.45 -3.17
N THR B 442 -35.46 -1.71 -2.84
CA THR B 442 -35.62 -2.18 -1.47
C THR B 442 -34.74 -1.38 -0.51
N ALA B 443 -33.66 -0.82 -1.04
CA ALA B 443 -32.76 0.01 -0.25
C ALA B 443 -33.38 1.39 0.02
N LEU B 444 -34.39 1.74 -0.77
CA LEU B 444 -35.08 3.02 -0.63
C LEU B 444 -36.54 2.84 -0.19
N ASP B 445 -37.03 1.60 -0.24
CA ASP B 445 -38.33 1.22 0.34
C ASP B 445 -39.54 1.37 -0.59
N TYR B 446 -39.32 1.68 -1.87
CA TYR B 446 -40.40 1.70 -2.84
C TYR B 446 -39.89 2.01 -4.23
#